data_9ENS
#
_entry.id   9ENS
#
_cell.length_a   1.00
_cell.length_b   1.00
_cell.length_c   1.00
_cell.angle_alpha   90.00
_cell.angle_beta   90.00
_cell.angle_gamma   90.00
#
_symmetry.space_group_name_H-M   'P 1'
#
loop_
_entity.id
_entity.type
_entity.pdbx_description
1 polymer Vitellogenin
2 branched alpha-D-mannopyranose-(1-3)-[alpha-D-mannopyranose-(1-6)]beta-D-mannopyranose-(1-4)-2-acetamido-2-deoxy-beta-D-glucopyranose-(1-4)-2-acetamido-2-deoxy-beta-D-glucopyranose
#
_entity_poly.entity_id   1
_entity_poly.type   'polypeptide(L)'
_entity_poly.pdbx_seq_one_letter_code
;MLLLLTLLLFAGTVAADFQHNWQVGNEYTYLVRSRTLTSLGDLSDVHTGILIKALLTVQAKDSNVLAAKVWNGQYARVQQ
SMPDGWETEISDQMLELRDLPISGKPFQIRMKHGLIRDLIVDRDVPTWEVNILKSIVGQLQVDTQGENAVKVNSVQVPTD
DEPYASFKAMEDSVGGKCEVLYDIAPLSDFVIHRSPELVPMPTLKGDGRHMEVIKIKNFDNCDQRINYHFGMTDNSRLEP
GTNKNGKFFSRSSTSRIVISESLKHFTIQSSVTTSKMMVSPRLYDRQNGLVLSRMNLTLAKMEKTSKPLPMVDNPESTGN
LVYIYNNPFSDVEERRVSKTAMNSNQIVSDNSLSSSEEKLKQDILNLRTDISSSSSSISSSEENDFWQPKPTLEDAPQNS
LLPNFVGYKGKHIGKSGKVDVINAAKELIFQIANELEDASNIPVHATLEKFMILCNLMRTMNRKQISELESNMQISPNEL
KPNDKSQVIKQNTWTVFRDAITQTGTGPAFLTIKEWIERGTTKSMEAANIMSKLPKTVRTPTDSYIRSFFELLQNPKVSN
EQFLNTAATLSFCEMIHNAQVNKRSIHNNYPVHTFGRLTSKHDNSLYDEYIPFLERELRKAHQEKDSPRIQTYIMALGMI
GEPKILSVFEPYLEGKQQMTVFQRTLMVGSLGKLTETNPKLARSVLYKIYLNTMESHEVRCTAVFLLMKTNPPLSMLQRM
AEFTKLDTNRQVNSAVKSTIQSLMKLKSPEWKDLAKKARSVNHLLTHHEYDYELSRGYIDEKILENQNIITHMILNYVGS
EDSVIPRILYLTWYSSNGDIKVPSTKVLAMISSVKSFMELSLRSVKDRETIISAAEKIAEELKIVPEELVPLEGNLMINN
KYALKFFPFDKHILDKLPTLISNYIEAVKEGKFMNVNMLDTYESVHSFPTETGLPFVYTFNVIKLTKTSGTVQAQINPDF
AFIVNSNLRLTFSKNVQGRVGFVTPFEHRHFISGIDSNLHVYAPLKISLDVNTPKGNMQWKIWPMKGEEKSRLFHYSVVP
FVSNHDILNLRPLSMEKGTRPMIPDDNTSLALPKNEGPFRLNVETAKTNEEMWELIDTEKLTDRLPYPWTMDNERYVKVD
MYMNLEGEQKDPVIFSTSFDSKVMTRPDTDSENWTPKMMAVEPTDKQANSKTRRQEMMREAGRGIESAKSYVVDVRVHVP
GESESETVLTLAWSESNVESKGRLLGFWRVEMPRSNADYEVCIGSQIMVSPETLLSYDEKMDQKPKMDFNVDIRYGKNCG
KGERIDMNGKLRQSPRLKELVGATSIIKDCVEDMKRGNKILRTCQKAVVLSMLLDEVDISMEVPSDALIALYSQGLFSLS
EIDNLDVSLDVSNPKNAGKKKIDVRAKLNEYLDKADVIVNTPIMDAHFKDVKLSDFGFSTEDILDTADEDLLINNVFYED
ETSCMLDKTRAQTFDGKDYPLRLGPCWHAVMTTYPRINPDNHNEKLHIPKDKSVSVLSRENEAGQKEVKVLLGSDKIKFV
PGTTSQPEVFVNGEKIVVSRNKAYQKVEENEIIFEIYKMGDRFIGLTSDKFDVSLALDGERVMLKASEDYRYSVRGLCGN
FDHDSTNDFVGPKNCLFRKPEHFVASYALISNQCEGDSLNVAKSLQDHDCIRQERTQQRNVISDSESGRLDTEMSTWGYH
HNVNKHCTIHRTQVKETDDKICFTMRPVVSCASGCTAVETKSKPYKFHCMEKNEAAMKLKKRIEKGANPDLSQKPVSTTE
ELTVPFVCKA
;
_entity_poly.pdbx_strand_id   A
#
loop_
_chem_comp.id
_chem_comp.type
_chem_comp.name
_chem_comp.formula
BMA D-saccharide, beta linking beta-D-mannopyranose 'C6 H12 O6'
MAN D-saccharide, alpha linking alpha-D-mannopyranose 'C6 H12 O6'
NAG D-saccharide, beta linking 2-acetamido-2-deoxy-beta-D-glucopyranose 'C8 H15 N O6'
#
# COMPACT_ATOMS: atom_id res chain seq x y z
N GLN A 19 25.48 40.34 20.24
CA GLN A 19 26.03 39.75 21.45
C GLN A 19 25.11 39.96 22.64
N HIS A 20 24.95 41.20 23.04
CA HIS A 20 24.10 41.55 24.19
C HIS A 20 22.69 41.81 23.69
N ASN A 21 21.84 40.79 23.73
CA ASN A 21 20.46 40.96 23.31
C ASN A 21 19.65 41.73 24.35
N TRP A 22 20.02 41.62 25.63
CA TRP A 22 19.21 42.11 26.73
C TRP A 22 20.05 42.89 27.71
N GLN A 23 19.36 43.62 28.59
CA GLN A 23 19.99 44.45 29.60
C GLN A 23 19.58 43.98 30.98
N VAL A 24 20.51 44.09 31.94
CA VAL A 24 20.27 43.59 33.28
C VAL A 24 19.38 44.55 34.04
N GLY A 25 18.35 44.00 34.69
CA GLY A 25 17.43 44.82 35.46
C GLY A 25 16.19 45.25 34.72
N ASN A 26 15.91 44.68 33.55
CA ASN A 26 14.80 45.09 32.72
C ASN A 26 13.81 43.95 32.54
N GLU A 27 12.55 44.31 32.34
CA GLU A 27 11.46 43.35 32.16
C GLU A 27 10.84 43.55 30.79
N TYR A 28 10.80 42.49 30.00
CA TYR A 28 10.24 42.51 28.65
C TYR A 28 8.93 41.74 28.64
N THR A 29 7.89 42.33 28.07
CA THR A 29 6.60 41.68 27.93
C THR A 29 6.29 41.51 26.45
N TYR A 30 5.96 40.29 26.06
CA TYR A 30 5.68 39.96 24.67
C TYR A 30 4.27 39.40 24.54
N LEU A 31 3.65 39.68 23.40
CA LEU A 31 2.32 39.17 23.07
C LEU A 31 2.47 37.92 22.20
N VAL A 32 1.79 36.85 22.58
CA VAL A 32 1.91 35.56 21.90
C VAL A 32 0.64 35.28 21.12
N ARG A 33 0.79 35.02 19.83
CA ARG A 33 -0.31 34.65 18.96
C ARG A 33 0.12 33.51 18.05
N SER A 34 -0.77 32.55 17.83
CA SER A 34 -0.44 31.39 16.99
C SER A 34 -1.71 30.76 16.48
N ARG A 35 -1.55 29.92 15.46
CA ARG A 35 -2.67 29.19 14.87
C ARG A 35 -2.14 28.01 14.08
N THR A 36 -2.92 26.92 14.05
CA THR A 36 -2.60 25.75 13.25
C THR A 36 -3.89 25.24 12.63
N LEU A 37 -3.89 25.11 11.30
CA LEU A 37 -5.10 24.81 10.55
C LEU A 37 -4.83 23.72 9.51
N THR A 38 -5.88 23.01 9.13
CA THR A 38 -5.86 22.05 8.05
C THR A 38 -6.97 22.36 7.05
N SER A 39 -6.75 21.98 5.80
CA SER A 39 -7.73 22.28 4.76
C SER A 39 -7.55 21.29 3.61
N LEU A 40 -8.50 21.31 2.70
CA LEU A 40 -8.48 20.45 1.52
C LEU A 40 -7.89 21.11 0.30
N GLY A 41 -7.48 22.36 0.39
CA GLY A 41 -6.78 23.02 -0.72
C GLY A 41 -7.75 23.71 -1.65
N ASP A 42 -7.59 23.45 -2.95
CA ASP A 42 -8.43 24.07 -3.96
C ASP A 42 -9.83 23.46 -4.04
N LEU A 43 -10.05 22.31 -3.42
CA LEU A 43 -11.39 21.72 -3.44
C LEU A 43 -12.39 22.56 -2.66
N SER A 44 -11.98 23.10 -1.51
CA SER A 44 -12.87 23.90 -0.69
C SER A 44 -12.05 24.88 0.13
N ASP A 45 -12.72 25.92 0.62
CA ASP A 45 -12.10 26.95 1.45
C ASP A 45 -12.53 26.83 2.91
N VAL A 46 -12.69 25.60 3.39
CA VAL A 46 -13.10 25.33 4.77
C VAL A 46 -11.89 24.87 5.56
N HIS A 47 -11.66 25.49 6.71
CA HIS A 47 -10.50 25.24 7.55
C HIS A 47 -10.93 24.73 8.91
N THR A 48 -10.16 23.81 9.48
CA THR A 48 -10.35 23.33 10.84
C THR A 48 -9.05 23.46 11.62
N GLY A 49 -9.14 23.93 12.86
CA GLY A 49 -7.94 24.09 13.66
C GLY A 49 -8.22 24.86 14.95
N ILE A 50 -7.15 25.39 15.54
CA ILE A 50 -7.22 26.13 16.80
C ILE A 50 -6.38 27.40 16.72
N LEU A 51 -6.70 28.36 17.58
CA LEU A 51 -5.92 29.57 17.79
C LEU A 51 -5.46 29.63 19.24
N ILE A 52 -4.40 30.39 19.50
CA ILE A 52 -3.82 30.51 20.83
C ILE A 52 -3.43 31.96 21.08
N LYS A 53 -3.77 32.47 22.27
CA LYS A 53 -3.36 33.80 22.73
C LYS A 53 -2.73 33.67 24.12
N ALA A 54 -1.63 34.38 24.34
CA ALA A 54 -0.90 34.29 25.60
C ALA A 54 0.01 35.51 25.73
N LEU A 55 0.75 35.56 26.84
CA LEU A 55 1.75 36.58 27.12
C LEU A 55 3.04 35.94 27.58
N LEU A 56 4.16 36.54 27.20
CA LEU A 56 5.49 36.07 27.61
C LEU A 56 6.22 37.21 28.32
N THR A 57 6.75 36.91 29.50
CA THR A 57 7.48 37.88 30.31
C THR A 57 8.89 37.36 30.56
N VAL A 58 9.89 38.17 30.23
CA VAL A 58 11.29 37.78 30.35
C VAL A 58 12.02 38.84 31.18
N GLN A 59 12.78 38.39 32.18
CA GLN A 59 13.60 39.26 33.00
C GLN A 59 15.05 38.83 32.89
N ALA A 60 15.94 39.78 32.68
CA ALA A 60 17.38 39.53 32.63
C ALA A 60 17.95 39.88 34.00
N LYS A 61 18.23 38.86 34.80
CA LYS A 61 18.71 39.03 36.16
C LYS A 61 20.21 38.86 36.30
N ASP A 62 20.86 38.16 35.38
CA ASP A 62 22.29 37.92 35.44
C ASP A 62 22.83 38.01 34.02
N SER A 63 24.11 37.66 33.87
CA SER A 63 24.75 37.75 32.55
C SER A 63 24.21 36.68 31.62
N ASN A 64 24.06 35.44 32.10
CA ASN A 64 23.63 34.33 31.28
C ASN A 64 22.39 33.63 31.81
N VAL A 65 21.68 34.25 32.76
CA VAL A 65 20.52 33.64 33.41
C VAL A 65 19.30 34.51 33.13
N LEU A 66 18.26 33.89 32.59
CA LEU A 66 17.01 34.55 32.26
C LEU A 66 15.87 33.92 33.05
N ALA A 67 14.90 34.73 33.44
CA ALA A 67 13.69 34.26 34.12
C ALA A 67 12.50 34.54 33.22
N ALA A 68 11.70 33.51 32.97
CA ALA A 68 10.63 33.58 31.99
C ALA A 68 9.35 32.96 32.55
N LYS A 69 8.21 33.40 32.01
CA LYS A 69 6.91 32.93 32.45
C LYS A 69 5.88 33.17 31.37
N VAL A 70 5.07 32.16 31.06
CA VAL A 70 3.92 32.27 30.17
C VAL A 70 2.69 32.05 31.03
N TRP A 71 1.87 33.07 31.23
CA TRP A 71 0.87 33.00 32.28
C TRP A 71 -0.58 33.10 31.78
N ASN A 72 -0.95 34.11 31.00
CA ASN A 72 -2.30 34.11 30.45
C ASN A 72 -2.41 33.07 29.35
N GLY A 73 -3.51 32.33 29.34
CA GLY A 73 -3.69 31.29 28.35
C GLY A 73 -5.13 31.16 27.87
N GLN A 74 -5.33 31.25 26.57
CA GLN A 74 -6.66 31.16 25.98
C GLN A 74 -6.54 30.51 24.61
N TYR A 75 -7.55 29.73 24.24
CA TYR A 75 -7.56 29.07 22.94
C TYR A 75 -8.99 28.83 22.49
N ALA A 76 -9.17 28.66 21.19
CA ALA A 76 -10.49 28.45 20.61
C ALA A 76 -10.37 27.54 19.39
N ARG A 77 -11.45 26.84 19.09
CA ARG A 77 -11.52 25.91 17.97
C ARG A 77 -12.36 26.51 16.85
N VAL A 78 -11.89 26.37 15.61
CA VAL A 78 -12.51 27.00 14.45
C VAL A 78 -12.76 25.95 13.40
N GLN A 79 -13.98 25.92 12.87
CA GLN A 79 -14.33 25.14 11.67
C GLN A 79 -15.25 26.01 10.83
N GLN A 80 -14.63 26.79 9.93
CA GLN A 80 -15.32 27.82 9.18
C GLN A 80 -14.88 27.77 7.73
N SER A 81 -15.42 28.69 6.95
CA SER A 81 -14.93 28.97 5.61
C SER A 81 -14.19 30.30 5.62
N MET A 82 -13.03 30.34 4.97
CA MET A 82 -12.14 31.50 5.00
C MET A 82 -11.85 31.93 3.57
N PRO A 83 -12.76 32.68 2.95
CA PRO A 83 -12.56 33.07 1.55
C PRO A 83 -11.34 33.95 1.32
N ASP A 84 -11.03 34.84 2.27
CA ASP A 84 -9.91 35.74 2.07
C ASP A 84 -8.58 35.03 2.26
N GLY A 85 -8.47 34.19 3.26
CA GLY A 85 -7.25 33.45 3.52
C GLY A 85 -7.14 33.09 4.98
N TRP A 86 -6.23 32.16 5.26
CA TRP A 86 -6.04 31.66 6.62
C TRP A 86 -5.35 32.66 7.53
N GLU A 87 -4.86 33.78 7.00
CA GLU A 87 -4.13 34.76 7.77
C GLU A 87 -5.01 35.91 8.24
N THR A 88 -6.32 35.80 8.04
CA THR A 88 -7.22 36.90 8.37
C THR A 88 -7.47 36.96 9.87
N GLU A 89 -7.66 38.18 10.37
CA GLU A 89 -7.98 38.37 11.78
C GLU A 89 -9.39 37.89 12.08
N ILE A 90 -9.54 37.23 13.23
CA ILE A 90 -10.84 36.81 13.73
C ILE A 90 -11.03 37.45 15.10
N SER A 91 -12.06 38.29 15.22
CA SER A 91 -12.30 38.99 16.47
C SER A 91 -12.72 38.03 17.57
N ASP A 92 -12.41 38.40 18.82
CA ASP A 92 -12.77 37.57 19.95
C ASP A 92 -14.27 37.42 20.12
N GLN A 93 -15.05 38.36 19.59
CA GLN A 93 -16.51 38.25 19.63
C GLN A 93 -17.03 37.15 18.71
N MET A 94 -16.22 36.65 17.78
CA MET A 94 -16.62 35.59 16.87
C MET A 94 -16.05 34.24 17.27
N LEU A 95 -15.42 34.13 18.44
CA LEU A 95 -14.80 32.90 18.88
C LEU A 95 -15.26 32.53 20.28
N GLU A 96 -15.32 31.24 20.55
CA GLU A 96 -15.61 30.72 21.88
C GLU A 96 -14.29 30.33 22.53
N LEU A 97 -13.86 31.13 23.51
CA LEU A 97 -12.54 30.99 24.09
C LEU A 97 -12.57 30.11 25.33
N ARG A 98 -11.51 29.32 25.50
CA ARG A 98 -11.35 28.45 26.66
C ARG A 98 -9.94 28.58 27.21
N ASP A 99 -9.79 28.24 28.48
CA ASP A 99 -8.50 28.30 29.14
C ASP A 99 -7.57 27.20 28.62
N LEU A 100 -6.28 27.49 28.62
CA LEU A 100 -5.27 26.54 28.18
C LEU A 100 -4.66 25.85 29.38
N PRO A 101 -4.79 24.53 29.52
CA PRO A 101 -4.33 23.87 30.74
C PRO A 101 -2.82 23.79 30.86
N ILE A 102 -2.17 24.94 31.03
CA ILE A 102 -0.74 25.02 31.25
C ILE A 102 -0.49 25.70 32.58
N SER A 103 0.50 25.21 33.31
CA SER A 103 0.86 25.77 34.61
C SER A 103 1.80 26.96 34.41
N GLY A 104 1.42 28.11 34.93
CA GLY A 104 2.24 29.29 34.80
C GLY A 104 3.42 29.31 35.75
N LYS A 105 4.20 28.24 35.74
CA LYS A 105 5.35 28.10 36.62
C LYS A 105 6.58 28.70 35.98
N PRO A 106 7.30 29.58 36.68
CA PRO A 106 8.51 30.19 36.10
C PRO A 106 9.55 29.15 35.74
N PHE A 107 10.29 29.44 34.68
CA PHE A 107 11.40 28.63 34.22
C PHE A 107 12.56 29.53 33.86
N GLN A 108 13.70 28.94 33.52
CA GLN A 108 14.91 29.68 33.28
C GLN A 108 15.48 29.36 31.90
N ILE A 109 15.99 30.40 31.24
CA ILE A 109 16.69 30.27 29.97
C ILE A 109 18.16 30.55 30.22
N ARG A 110 19.02 29.66 29.76
CA ARG A 110 20.47 29.81 29.92
C ARG A 110 21.09 30.24 28.61
N MET A 111 21.86 31.32 28.65
CA MET A 111 22.44 31.92 27.46
C MET A 111 23.95 31.64 27.39
N LYS A 112 24.44 31.55 26.16
CA LYS A 112 25.87 31.37 25.92
C LYS A 112 26.23 32.09 24.62
N HIS A 113 27.07 33.11 24.73
CA HIS A 113 27.54 33.88 23.57
C HIS A 113 26.38 34.47 22.78
N GLY A 114 25.36 34.95 23.49
CA GLY A 114 24.22 35.58 22.85
C GLY A 114 23.21 34.66 22.23
N LEU A 115 23.29 33.36 22.52
CA LEU A 115 22.38 32.37 21.97
C LEU A 115 21.72 31.58 23.10
N ILE A 116 20.61 30.94 22.77
CA ILE A 116 19.88 30.11 23.71
C ILE A 116 20.57 28.75 23.81
N ARG A 117 20.94 28.35 25.02
CA ARG A 117 21.64 27.10 25.24
C ARG A 117 20.69 25.97 25.66
N ASP A 118 19.97 26.15 26.76
CA ASP A 118 19.03 25.16 27.25
C ASP A 118 18.07 25.80 28.23
N LEU A 119 17.02 25.06 28.58
CA LEU A 119 15.98 25.55 29.48
C LEU A 119 15.94 24.70 30.74
N ILE A 120 15.49 25.32 31.83
CA ILE A 120 15.36 24.66 33.12
C ILE A 120 13.90 24.73 33.53
N VAL A 121 13.26 23.57 33.69
CA VAL A 121 11.84 23.50 34.01
C VAL A 121 11.64 22.59 35.21
N ASP A 122 10.61 22.90 35.99
CA ASP A 122 10.23 22.04 37.11
C ASP A 122 9.84 20.65 36.60
N ARG A 123 10.18 19.63 37.39
CA ARG A 123 9.97 18.26 36.96
C ARG A 123 8.48 17.94 36.80
N ASP A 124 7.63 18.52 37.64
CA ASP A 124 6.20 18.25 37.61
C ASP A 124 5.50 19.12 36.56
N VAL A 125 5.97 19.00 35.33
CA VAL A 125 5.38 19.70 34.19
C VAL A 125 5.33 18.73 33.01
N PRO A 126 4.20 18.62 32.31
CA PRO A 126 4.10 17.67 31.21
C PRO A 126 5.04 18.01 30.07
N THR A 127 5.40 16.99 29.29
CA THR A 127 6.34 17.18 28.20
C THR A 127 5.75 18.02 27.06
N TRP A 128 4.44 17.93 26.83
CA TRP A 128 3.82 18.72 25.77
C TRP A 128 3.89 20.21 26.07
N GLU A 129 3.74 20.58 27.34
CA GLU A 129 3.93 21.97 27.74
C GLU A 129 5.36 22.40 27.46
N VAL A 130 6.33 21.54 27.73
CA VAL A 130 7.73 21.86 27.45
C VAL A 130 7.93 22.07 25.96
N ASN A 131 7.24 21.28 25.13
CA ASN A 131 7.37 21.46 23.69
C ASN A 131 6.78 22.80 23.22
N ILE A 132 5.63 23.18 23.79
CA ILE A 132 5.04 24.47 23.43
C ILE A 132 5.96 25.62 23.85
N LEU A 133 6.53 25.54 25.06
CA LEU A 133 7.51 26.56 25.46
C LEU A 133 8.74 26.57 24.55
N LYS A 134 9.20 25.40 24.10
CA LYS A 134 10.31 25.38 23.15
C LYS A 134 9.94 26.15 21.89
N SER A 135 8.74 25.91 21.37
CA SER A 135 8.31 26.61 20.16
C SER A 135 8.22 28.11 20.39
N ILE A 136 7.69 28.53 21.54
CA ILE A 136 7.53 29.95 21.81
C ILE A 136 8.89 30.65 21.92
N VAL A 137 9.82 30.04 22.67
CA VAL A 137 11.11 30.69 22.90
C VAL A 137 12.02 30.61 21.67
N GLY A 138 11.82 29.64 20.78
CA GLY A 138 12.69 29.52 19.62
C GLY A 138 12.68 30.73 18.71
N GLN A 139 11.65 31.58 18.80
CA GLN A 139 11.56 32.76 17.96
C GLN A 139 12.41 33.92 18.48
N LEU A 140 12.89 33.85 19.72
CA LEU A 140 13.80 34.87 20.25
C LEU A 140 15.25 34.63 19.86
N GLN A 141 15.54 33.56 19.13
CA GLN A 141 16.91 33.21 18.77
C GLN A 141 17.30 33.95 17.50
N VAL A 142 18.11 34.99 17.64
CA VAL A 142 18.67 35.74 16.52
C VAL A 142 20.18 35.60 16.58
N ASP A 143 20.78 35.23 15.45
CA ASP A 143 22.23 35.10 15.32
C ASP A 143 22.70 36.15 14.33
N THR A 144 23.32 37.22 14.84
CA THR A 144 23.76 38.33 14.00
C THR A 144 25.26 38.32 13.74
N GLN A 145 26.05 37.72 14.61
CA GLN A 145 27.50 37.68 14.46
C GLN A 145 27.99 36.38 13.84
N GLY A 146 27.08 35.51 13.41
CA GLY A 146 27.48 34.24 12.82
C GLY A 146 28.19 33.33 13.78
N GLU A 147 27.63 33.18 14.99
CA GLU A 147 28.25 32.31 15.99
C GLU A 147 28.30 30.88 15.50
N ASN A 148 27.22 30.39 14.90
CA ASN A 148 27.19 29.07 14.28
C ASN A 148 27.80 29.18 12.88
N ALA A 149 29.12 29.36 12.85
CA ALA A 149 29.83 29.57 11.60
C ALA A 149 29.75 28.35 10.70
N VAL A 150 29.58 28.61 9.40
CA VAL A 150 29.52 27.54 8.41
C VAL A 150 30.65 27.76 7.41
N LYS A 151 31.78 28.26 7.90
CA LYS A 151 32.96 28.66 7.13
C LYS A 151 32.69 29.89 6.27
N VAL A 152 31.60 30.61 6.51
CA VAL A 152 31.31 31.86 5.82
C VAL A 152 31.42 33.07 6.73
N ASN A 153 31.54 32.88 8.04
CA ASN A 153 31.70 34.00 8.95
C ASN A 153 33.06 34.68 8.81
N SER A 154 34.05 33.99 8.24
CA SER A 154 35.36 34.60 8.03
C SER A 154 35.27 35.78 7.06
N VAL A 155 34.44 35.65 6.02
CA VAL A 155 34.26 36.74 5.08
C VAL A 155 33.59 37.93 5.76
N GLN A 156 32.68 37.67 6.69
CA GLN A 156 31.99 38.73 7.41
C GLN A 156 32.82 39.31 8.55
N VAL A 157 33.95 38.68 8.90
CA VAL A 157 34.78 39.20 9.98
C VAL A 157 35.30 40.60 9.70
N PRO A 158 35.89 40.89 8.52
CA PRO A 158 36.34 42.28 8.30
C PRO A 158 35.18 43.22 7.96
N THR A 159 34.36 43.50 8.97
CA THR A 159 33.21 44.37 8.83
C THR A 159 33.19 45.39 9.97
N ASP A 160 32.69 46.58 9.66
CA ASP A 160 32.60 47.66 10.65
C ASP A 160 31.36 48.47 10.36
N ASP A 161 30.35 48.36 11.23
CA ASP A 161 29.08 49.07 11.07
C ASP A 161 28.44 48.76 9.73
N GLU A 162 28.40 47.48 9.38
CA GLU A 162 27.81 47.04 8.11
C GLU A 162 26.48 46.35 8.38
N PRO A 163 25.35 46.98 8.07
CA PRO A 163 24.05 46.31 8.26
C PRO A 163 23.84 45.10 7.38
N TYR A 164 24.64 44.93 6.33
CA TYR A 164 24.45 43.84 5.39
C TYR A 164 25.23 42.61 5.83
N ALA A 165 24.57 41.45 5.75
CA ALA A 165 25.18 40.17 6.08
C ALA A 165 24.30 39.06 5.52
N SER A 166 24.91 38.12 4.80
CA SER A 166 24.19 37.07 4.08
C SER A 166 24.82 35.71 4.31
N PHE A 167 25.10 35.38 5.56
CA PHE A 167 25.81 34.14 5.87
C PHE A 167 24.84 32.96 5.90
N LYS A 168 25.33 31.81 6.37
CA LYS A 168 24.55 30.60 6.54
C LYS A 168 24.96 29.95 7.85
N ALA A 169 24.05 29.17 8.44
CA ALA A 169 24.29 28.65 9.79
C ALA A 169 23.57 27.31 9.94
N MET A 170 23.46 26.88 11.19
CA MET A 170 22.76 25.63 11.55
C MET A 170 22.12 25.87 12.93
N GLU A 171 20.85 26.26 12.90
CA GLU A 171 20.15 26.75 14.10
C GLU A 171 19.30 25.65 14.72
N ASP A 172 18.66 25.99 15.83
CA ASP A 172 17.84 25.08 16.61
C ASP A 172 16.38 25.49 16.54
N SER A 173 15.51 24.50 16.38
CA SER A 173 14.06 24.72 16.35
C SER A 173 13.38 23.42 16.72
N VAL A 174 12.08 23.51 17.01
CA VAL A 174 11.32 22.33 17.40
C VAL A 174 11.30 21.30 16.29
N GLY A 175 11.43 21.73 15.03
CA GLY A 175 11.48 20.80 13.93
C GLY A 175 12.79 20.09 13.75
N GLY A 176 13.82 20.47 14.51
CA GLY A 176 15.12 19.86 14.44
C GLY A 176 16.21 20.91 14.43
N LYS A 177 17.42 20.45 14.10
CA LYS A 177 18.61 21.30 14.03
C LYS A 177 19.09 21.29 12.59
N CYS A 178 18.51 22.17 11.77
CA CYS A 178 18.65 22.12 10.33
C CYS A 178 19.25 23.44 9.83
N GLU A 179 19.73 23.43 8.58
CA GLU A 179 20.39 24.60 8.03
C GLU A 179 19.42 25.74 7.81
N VAL A 180 19.90 26.96 8.05
CA VAL A 180 19.08 28.17 7.94
C VAL A 180 19.87 29.22 7.16
N LEU A 181 19.21 29.85 6.19
CA LEU A 181 19.79 30.94 5.43
C LEU A 181 19.43 32.28 6.06
N TYR A 182 20.43 33.14 6.22
CA TYR A 182 20.28 34.43 6.86
C TYR A 182 20.46 35.56 5.85
N ASP A 183 19.83 36.70 6.13
CA ASP A 183 20.05 37.90 5.36
C ASP A 183 19.58 39.10 6.19
N ILE A 184 20.43 40.11 6.30
CA ILE A 184 20.15 41.29 7.12
C ILE A 184 20.28 42.52 6.25
N ALA A 185 19.32 43.43 6.37
CA ALA A 185 19.32 44.69 5.63
C ALA A 185 18.49 45.70 6.41
N PRO A 186 18.83 46.98 6.33
CA PRO A 186 18.11 47.98 7.11
C PRO A 186 16.67 48.16 6.63
N LEU A 187 15.84 48.67 7.54
CA LEU A 187 14.43 48.88 7.31
C LEU A 187 14.17 50.32 6.88
N SER A 188 13.38 50.50 5.83
CA SER A 188 13.09 51.81 5.31
C SER A 188 11.88 52.43 6.02
N ASP A 189 11.83 53.76 5.99
CA ASP A 189 10.75 54.46 6.69
C ASP A 189 9.40 54.26 6.01
N PHE A 190 9.39 54.00 4.71
CA PHE A 190 8.13 53.78 4.00
C PHE A 190 7.42 52.54 4.53
N VAL A 191 8.16 51.45 4.74
CA VAL A 191 7.56 50.23 5.25
C VAL A 191 6.99 50.45 6.65
N ILE A 192 7.74 51.15 7.50
CA ILE A 192 7.29 51.40 8.86
C ILE A 192 6.03 52.28 8.85
N HIS A 193 5.99 53.26 7.95
CA HIS A 193 4.80 54.09 7.82
C HIS A 193 3.60 53.24 7.38
N ARG A 194 3.82 52.33 6.44
CA ARG A 194 2.74 51.44 6.03
C ARG A 194 2.33 50.50 7.15
N SER A 195 3.30 49.96 7.89
CA SER A 195 3.04 48.94 8.91
C SER A 195 3.66 49.35 10.24
N PRO A 196 2.94 50.14 11.04
CA PRO A 196 3.43 50.46 12.39
C PRO A 196 3.51 49.25 13.31
N GLU A 197 2.89 48.13 12.94
CA GLU A 197 2.91 46.93 13.78
C GLU A 197 4.32 46.39 13.97
N LEU A 198 5.21 46.62 13.00
CA LEU A 198 6.54 46.01 13.05
C LEU A 198 7.39 46.61 14.18
N VAL A 199 7.26 47.91 14.41
CA VAL A 199 8.05 48.59 15.43
C VAL A 199 7.10 49.19 16.46
N PRO A 200 6.77 48.46 17.53
CA PRO A 200 5.82 48.99 18.53
C PRO A 200 6.33 50.24 19.21
N MET A 201 7.50 50.18 19.84
CA MET A 201 8.12 51.36 20.43
C MET A 201 9.36 51.75 19.64
N PRO A 202 9.32 52.85 18.88
CA PRO A 202 10.44 53.17 17.98
C PRO A 202 11.50 54.09 18.57
N THR A 203 11.28 54.62 19.78
CA THR A 203 12.25 55.51 20.41
C THR A 203 13.46 54.76 20.95
N LEU A 204 13.46 53.43 20.88
CA LEU A 204 14.53 52.62 21.45
C LEU A 204 15.76 52.53 20.56
N LYS A 205 15.70 53.07 19.34
CA LYS A 205 16.85 52.95 18.45
C LYS A 205 17.99 53.88 18.85
N GLY A 206 17.70 54.91 19.63
CA GLY A 206 18.72 55.84 20.07
C GLY A 206 19.53 56.43 18.94
N ASP A 207 20.81 56.06 18.88
CA ASP A 207 21.72 56.54 17.85
C ASP A 207 21.91 55.56 16.71
N GLY A 208 21.18 54.46 16.69
CA GLY A 208 21.31 53.43 15.68
C GLY A 208 20.21 53.49 14.64
N ARG A 209 19.88 52.32 14.10
CA ARG A 209 18.89 52.21 13.03
C ARG A 209 18.14 50.90 13.17
N HIS A 210 17.01 50.81 12.48
CA HIS A 210 16.21 49.60 12.45
C HIS A 210 16.71 48.65 11.38
N MET A 211 16.53 47.36 11.60
CA MET A 211 17.00 46.33 10.69
C MET A 211 15.95 45.24 10.53
N GLU A 212 16.06 44.50 9.43
CA GLU A 212 15.22 43.36 9.13
C GLU A 212 16.09 42.12 8.94
N VAL A 213 15.66 41.02 9.53
CA VAL A 213 16.34 39.74 9.40
C VAL A 213 15.34 38.73 8.84
N ILE A 214 15.74 38.02 7.80
CA ILE A 214 14.89 37.05 7.13
C ILE A 214 15.59 35.70 7.16
N LYS A 215 14.89 34.68 7.63
CA LYS A 215 15.43 33.33 7.75
C LYS A 215 14.59 32.37 6.93
N ILE A 216 15.26 31.58 6.09
CA ILE A 216 14.61 30.54 5.30
C ILE A 216 15.21 29.20 5.72
N LYS A 217 14.36 28.26 6.09
CA LYS A 217 14.79 27.03 6.73
C LYS A 217 14.75 25.89 5.72
N ASN A 218 15.84 25.15 5.64
CA ASN A 218 15.96 24.00 4.74
C ASN A 218 15.92 22.73 5.56
N PHE A 219 14.97 21.86 5.24
CA PHE A 219 14.76 20.62 6.00
C PHE A 219 15.39 19.41 5.34
N ASP A 220 16.10 19.57 4.22
CA ASP A 220 16.67 18.41 3.55
C ASP A 220 17.92 17.92 4.27
N ASN A 221 18.92 18.77 4.39
CA ASN A 221 20.15 18.43 5.11
C ASN A 221 20.02 18.95 6.54
N CYS A 222 20.25 18.07 7.52
CA CYS A 222 19.91 18.42 8.89
C CYS A 222 20.55 17.39 9.81
N ASP A 223 20.88 17.83 11.03
CA ASP A 223 21.63 16.98 11.95
C ASP A 223 20.72 16.18 12.88
N GLN A 224 19.91 16.87 13.68
CA GLN A 224 19.01 16.21 14.63
C GLN A 224 17.62 16.16 14.01
N ARG A 225 17.10 14.95 13.83
CA ARG A 225 15.83 14.73 13.15
C ARG A 225 14.89 13.96 14.06
N ILE A 226 13.61 14.34 14.05
CA ILE A 226 12.58 13.71 14.86
C ILE A 226 11.37 13.43 13.97
N ASN A 227 11.12 12.16 13.67
CA ASN A 227 9.94 11.77 12.92
C ASN A 227 9.68 10.29 13.13
N TYR A 228 8.45 9.88 12.83
CA TYR A 228 8.03 8.48 12.88
C TYR A 228 7.62 8.04 11.49
N HIS A 229 8.12 6.89 11.06
CA HIS A 229 7.89 6.41 9.70
C HIS A 229 7.54 4.93 9.70
N PHE A 230 6.72 4.55 8.72
CA PHE A 230 6.48 3.15 8.39
C PHE A 230 5.86 3.11 7.01
N GLY A 231 6.51 2.42 6.07
CA GLY A 231 6.01 2.36 4.72
C GLY A 231 6.77 1.34 3.89
N MET A 232 6.12 0.93 2.80
CA MET A 232 6.67 -0.05 1.87
C MET A 232 7.15 -1.31 2.59
N LYS A 247 9.56 11.26 -2.14
CA LYS A 247 9.30 12.49 -1.40
C LYS A 247 8.09 13.21 -1.97
N PHE A 248 6.98 13.19 -1.23
CA PHE A 248 5.77 13.91 -1.60
C PHE A 248 5.43 15.04 -0.65
N PHE A 249 6.10 15.12 0.50
CA PHE A 249 5.90 16.24 1.41
C PHE A 249 6.52 17.50 0.84
N SER A 250 6.15 18.64 1.43
CA SER A 250 6.70 19.93 1.02
C SER A 250 6.65 20.85 2.24
N ARG A 251 7.79 21.01 2.89
CA ARG A 251 7.91 21.90 4.04
C ARG A 251 8.54 23.21 3.63
N SER A 252 8.12 24.29 4.29
CA SER A 252 8.60 25.62 3.95
C SER A 252 8.46 26.50 5.18
N SER A 253 9.57 26.79 5.84
CA SER A 253 9.59 27.64 7.01
C SER A 253 10.33 28.93 6.70
N THR A 254 9.69 30.06 6.97
CA THR A 254 10.31 31.38 6.81
C THR A 254 10.07 32.19 8.07
N SER A 255 10.96 33.14 8.31
CA SER A 255 10.86 33.99 9.49
C SER A 255 11.15 35.43 9.10
N ARG A 256 10.62 36.35 9.90
CA ARG A 256 10.80 37.79 9.66
C ARG A 256 10.93 38.48 11.01
N ILE A 257 12.13 38.94 11.34
CA ILE A 257 12.45 39.51 12.64
C ILE A 257 12.99 40.92 12.44
N VAL A 258 12.49 41.86 13.24
CA VAL A 258 12.91 43.25 13.18
C VAL A 258 13.64 43.59 14.49
N ILE A 259 14.84 44.16 14.36
CA ILE A 259 15.67 44.48 15.51
C ILE A 259 16.02 45.96 15.51
N SER A 260 16.34 46.46 16.69
CA SER A 260 16.59 47.87 16.93
C SER A 260 18.08 48.18 16.80
N GLU A 261 18.51 49.32 17.36
CA GLU A 261 19.86 49.87 17.25
C GLU A 261 20.95 48.80 17.28
N SER A 262 21.92 48.95 16.40
CA SER A 262 23.19 48.24 16.43
C SER A 262 23.05 46.75 16.10
N LEU A 263 24.12 46.16 15.60
CA LEU A 263 24.19 44.74 15.28
C LEU A 263 24.86 43.94 16.38
N LYS A 264 25.15 44.55 17.51
CA LYS A 264 25.73 43.90 18.68
C LYS A 264 24.94 44.15 19.95
N HIS A 265 24.37 45.34 20.12
CA HIS A 265 23.54 45.69 21.28
C HIS A 265 22.19 46.15 20.75
N PHE A 266 21.23 45.23 20.65
CA PHE A 266 19.95 45.55 20.05
C PHE A 266 18.81 44.99 20.89
N THR A 267 17.58 45.28 20.46
CA THR A 267 16.35 44.85 21.12
C THR A 267 15.43 44.25 20.08
N ILE A 268 14.80 43.13 20.42
CA ILE A 268 13.86 42.48 19.51
C ILE A 268 12.52 43.20 19.58
N GLN A 269 11.97 43.52 18.41
CA GLN A 269 10.68 44.21 18.31
C GLN A 269 9.55 43.31 17.86
N SER A 270 9.76 42.46 16.85
CA SER A 270 8.72 41.57 16.37
C SER A 270 9.35 40.36 15.70
N SER A 271 8.76 39.19 15.92
CA SER A 271 9.23 37.95 15.32
C SER A 271 8.04 37.10 14.90
N VAL A 272 8.05 36.62 13.66
CA VAL A 272 6.96 35.86 13.08
C VAL A 272 7.53 34.70 12.27
N THR A 273 6.97 33.52 12.45
CA THR A 273 7.32 32.36 11.64
C THR A 273 6.09 31.87 10.87
N THR A 274 6.34 31.25 9.72
CA THR A 274 5.29 30.70 8.87
C THR A 274 5.75 29.39 8.29
N SER A 275 4.95 28.34 8.47
CA SER A 275 5.27 27.02 7.95
C SER A 275 4.09 26.47 7.16
N LYS A 276 4.38 25.59 6.21
CA LYS A 276 3.35 25.03 5.34
C LYS A 276 3.74 23.61 4.94
N MET A 277 2.76 22.71 4.95
CA MET A 277 2.94 21.32 4.55
C MET A 277 1.90 20.95 3.49
N MET A 278 2.35 20.30 2.43
CA MET A 278 1.49 19.92 1.31
C MET A 278 1.63 18.44 1.03
N VAL A 279 0.50 17.72 1.00
CA VAL A 279 0.48 16.28 0.79
C VAL A 279 -0.64 15.92 -0.16
N SER A 280 -0.37 15.00 -1.08
CA SER A 280 -1.43 14.41 -1.90
C SER A 280 -2.15 13.34 -1.11
N PRO A 281 -3.46 13.47 -0.89
CA PRO A 281 -4.13 12.58 0.09
C PRO A 281 -4.08 11.10 -0.27
N ARG A 282 -4.11 10.74 -1.54
CA ARG A 282 -4.23 9.33 -1.94
C ARG A 282 -3.07 8.89 -2.83
N LEU A 283 -1.92 9.54 -2.70
CA LEU A 283 -0.66 9.18 -3.35
C LEU A 283 -0.69 9.36 -4.86
N TYR A 284 -1.83 9.72 -5.45
CA TYR A 284 -1.96 9.83 -6.90
C TYR A 284 -2.79 11.04 -7.30
N ASP A 285 -2.82 12.07 -6.46
CA ASP A 285 -3.64 13.25 -6.67
C ASP A 285 -2.74 14.48 -6.85
N ARG A 286 -3.36 15.65 -6.88
CA ARG A 286 -2.68 16.89 -7.24
C ARG A 286 -2.28 17.72 -6.01
N GLN A 287 -1.89 17.06 -4.92
CA GLN A 287 -1.30 17.73 -3.75
C GLN A 287 -2.25 18.79 -3.18
N ASN A 288 -3.37 18.32 -2.67
CA ASN A 288 -4.42 19.20 -2.17
C ASN A 288 -4.44 19.35 -0.65
N GLY A 289 -3.84 18.43 0.10
CA GLY A 289 -3.91 18.50 1.55
C GLY A 289 -2.90 19.48 2.12
N LEU A 290 -3.37 20.36 3.00
CA LEU A 290 -2.54 21.38 3.60
C LEU A 290 -2.62 21.34 5.12
N VAL A 291 -1.50 21.67 5.76
CA VAL A 291 -1.44 21.98 7.18
C VAL A 291 -0.59 23.23 7.32
N LEU A 292 -1.15 24.25 7.98
CA LEU A 292 -0.50 25.56 8.08
C LEU A 292 -0.37 25.97 9.54
N SER A 293 0.68 26.74 9.83
CA SER A 293 0.97 27.14 11.20
C SER A 293 1.72 28.46 11.19
N ARG A 294 1.69 29.14 12.33
CA ARG A 294 2.42 30.39 12.49
C ARG A 294 2.56 30.73 13.97
N MET A 295 3.65 31.41 14.32
CA MET A 295 3.88 31.92 15.66
C MET A 295 4.26 33.39 15.57
N ASN A 296 3.82 34.17 16.57
CA ASN A 296 3.86 35.63 16.52
C ASN A 296 4.26 36.16 17.90
N LEU A 297 5.19 37.11 17.92
CA LEU A 297 5.54 37.86 19.12
C LEU A 297 5.77 39.31 18.78
N THR A 298 5.10 40.19 19.52
CA THR A 298 5.29 41.63 19.40
C THR A 298 5.59 42.20 20.76
N LEU A 299 6.58 43.10 20.83
CA LEU A 299 6.94 43.72 22.09
C LEU A 299 5.82 44.64 22.55
N ALA A 300 5.55 44.61 23.86
CA ALA A 300 4.54 45.46 24.45
C ALA A 300 5.14 46.49 25.40
N LYS A 301 5.91 46.06 26.40
CA LYS A 301 6.49 46.95 27.38
C LYS A 301 7.94 46.60 27.60
N MET A 302 8.71 47.59 28.04
CA MET A 302 10.06 47.38 28.54
C MET A 302 10.29 48.39 29.65
N GLU A 303 10.66 47.91 30.83
CA GLU A 303 10.83 48.80 31.98
C GLU A 303 11.73 48.14 33.02
N LYS A 304 12.17 48.94 33.97
CA LYS A 304 13.00 48.46 35.07
C LYS A 304 12.21 47.48 35.92
N THR A 305 12.89 46.45 36.43
CA THR A 305 12.24 45.43 37.22
C THR A 305 11.85 45.95 38.59
N SER A 306 10.68 45.55 39.07
CA SER A 306 10.21 45.89 40.40
C SER A 306 10.22 44.71 41.36
N LYS A 307 9.63 43.58 40.96
CA LYS A 307 9.66 42.36 41.76
C LYS A 307 10.23 41.24 40.91
N PRO A 308 11.23 40.50 41.39
CA PRO A 308 11.79 39.41 40.59
C PRO A 308 10.90 38.18 40.60
N LEU A 309 11.11 37.33 39.61
CA LEU A 309 10.40 36.08 39.53
C LEU A 309 10.94 35.07 40.53
N PRO A 310 10.09 34.18 41.05
CA PRO A 310 10.57 33.15 41.97
C PRO A 310 11.48 32.15 41.27
N MET A 311 12.37 31.55 42.05
CA MET A 311 13.29 30.57 41.50
C MET A 311 12.56 29.28 41.14
N VAL A 312 13.14 28.53 40.23
CA VAL A 312 12.52 27.31 39.73
C VAL A 312 12.70 26.20 40.76
N ASP A 313 11.60 25.60 41.18
CA ASP A 313 11.64 24.47 42.10
C ASP A 313 11.81 23.17 41.32
N ASN A 314 12.59 22.26 41.88
CA ASN A 314 12.94 20.99 41.26
C ASN A 314 13.48 21.20 39.85
N PRO A 315 14.65 21.81 39.71
CA PRO A 315 15.19 22.07 38.37
C PRO A 315 15.61 20.79 37.66
N GLU A 316 15.60 20.85 36.33
CA GLU A 316 16.13 19.82 35.46
C GLU A 316 16.21 20.39 34.05
N SER A 317 17.25 20.00 33.31
CA SER A 317 17.49 20.55 31.99
C SER A 317 16.64 19.84 30.94
N THR A 318 16.15 20.60 29.97
CA THR A 318 15.34 20.07 28.88
C THR A 318 16.11 20.00 27.57
N GLY A 319 17.42 20.21 27.59
CA GLY A 319 18.20 20.18 26.37
C GLY A 319 18.00 21.44 25.54
N ASN A 320 18.27 21.30 24.25
CA ASN A 320 18.14 22.42 23.32
C ASN A 320 16.67 22.63 22.98
N LEU A 321 16.40 23.45 21.96
CA LEU A 321 15.04 23.82 21.58
C LEU A 321 14.37 22.79 20.69
N VAL A 322 14.81 21.54 20.74
CA VAL A 322 14.31 20.51 19.87
C VAL A 322 13.28 19.67 20.62
N TYR A 323 12.38 19.05 19.86
CA TYR A 323 11.30 18.23 20.42
C TYR A 323 11.86 17.11 21.29
N ILE A 324 11.15 16.79 22.37
CA ILE A 324 11.56 15.73 23.28
C ILE A 324 10.42 14.73 23.44
N TYR A 325 10.78 13.50 23.75
CA TYR A 325 9.83 12.39 23.83
C TYR A 325 9.32 12.24 25.26
N ASN A 326 8.62 11.14 25.52
CA ASN A 326 8.03 10.86 26.83
C ASN A 326 7.81 9.36 26.95
N ASN A 327 7.58 8.92 28.19
CA ASN A 327 7.19 7.54 28.45
C ASN A 327 5.66 7.48 28.49
N PRO A 328 5.01 6.80 27.56
CA PRO A 328 3.53 6.84 27.53
C PRO A 328 2.90 6.03 28.64
N PHE A 329 3.50 4.93 29.07
CA PHE A 329 2.91 4.03 30.03
C PHE A 329 3.37 4.28 31.46
N SER A 330 4.18 5.30 31.70
CA SER A 330 4.70 5.57 33.04
C SER A 330 3.76 6.51 33.79
N ASP A 331 3.64 6.28 35.10
CA ASP A 331 2.77 7.11 35.92
C ASP A 331 3.29 8.54 36.02
N VAL A 332 4.60 8.70 36.17
CA VAL A 332 5.21 10.01 36.28
C VAL A 332 5.91 10.36 34.98
N GLU A 333 6.25 11.63 34.82
CA GLU A 333 6.89 12.08 33.60
C GLU A 333 8.34 11.62 33.52
N GLU A 334 8.73 11.12 32.35
CA GLU A 334 10.09 10.66 32.10
C GLU A 334 10.53 11.20 30.75
N ARG A 335 11.47 12.15 30.75
CA ARG A 335 11.94 12.80 29.54
C ARG A 335 13.33 12.28 29.19
N ARG A 336 13.52 11.91 27.94
CA ARG A 336 14.81 11.48 27.42
C ARG A 336 15.45 12.67 26.73
N VAL A 337 16.40 13.31 27.43
CA VAL A 337 16.99 14.56 26.98
C VAL A 337 18.48 14.33 26.79
N SER A 338 18.99 14.72 25.61
CA SER A 338 20.41 14.61 25.32
C SER A 338 21.19 15.71 26.04
N LYS A 339 22.47 15.43 26.28
CA LYS A 339 23.34 16.38 26.95
C LYS A 339 24.69 16.48 26.24
N ASP A 385 20.08 10.45 25.03
CA ASP A 385 20.31 10.47 23.59
C ASP A 385 19.00 10.68 22.84
N PHE A 386 18.03 11.28 23.54
CA PHE A 386 16.73 11.67 22.99
C PHE A 386 16.07 10.56 22.17
N TRP A 387 16.39 9.30 22.48
CA TRP A 387 15.86 8.17 21.75
C TRP A 387 15.07 7.26 22.69
N GLN A 388 13.92 6.79 22.22
CA GLN A 388 13.11 5.88 23.00
C GLN A 388 13.81 4.53 23.13
N PRO A 389 13.54 3.79 24.21
CA PRO A 389 14.17 2.48 24.38
C PRO A 389 13.75 1.49 23.31
N LYS A 390 14.62 0.53 23.04
CA LYS A 390 14.32 -0.49 22.05
C LYS A 390 13.12 -1.33 22.52
N PRO A 391 12.19 -1.64 21.63
CA PRO A 391 11.01 -2.42 22.04
C PRO A 391 11.40 -3.81 22.52
N THR A 392 10.73 -4.26 23.56
CA THR A 392 10.88 -5.62 24.08
C THR A 392 9.75 -6.49 23.56
N LEU A 393 9.79 -7.76 23.91
CA LEU A 393 8.83 -8.72 23.38
C LEU A 393 7.66 -8.98 24.29
N GLU A 394 7.58 -8.32 25.44
CA GLU A 394 6.45 -8.45 26.34
C GLU A 394 5.65 -7.16 26.50
N ASP A 395 6.31 -6.02 26.52
CA ASP A 395 5.64 -4.74 26.70
C ASP A 395 5.37 -4.08 25.36
N ALA A 396 4.45 -3.12 25.37
CA ALA A 396 4.08 -2.44 24.15
C ALA A 396 5.20 -1.51 23.71
N PRO A 397 5.30 -1.22 22.40
CA PRO A 397 6.28 -0.24 21.95
C PRO A 397 5.95 1.15 22.47
N GLN A 398 6.98 1.97 22.60
CA GLN A 398 6.85 3.31 23.18
C GLN A 398 7.07 4.35 22.09
N ASN A 399 5.98 4.88 21.55
CA ASN A 399 6.02 5.94 20.55
C ASN A 399 5.45 7.22 21.14
N SER A 400 5.80 8.35 20.53
CA SER A 400 5.39 9.64 21.06
C SER A 400 4.93 10.60 19.97
N LEU A 401 4.40 10.08 18.87
CA LEU A 401 3.94 10.94 17.79
C LEU A 401 2.62 10.48 17.17
N LEU A 402 1.99 9.44 17.71
CA LEU A 402 0.76 8.90 17.16
C LEU A 402 -0.39 9.10 18.14
N PRO A 403 -1.63 9.19 17.63
CA PRO A 403 -2.74 9.58 18.51
C PRO A 403 -3.00 8.65 19.68
N ASN A 404 -2.84 7.35 19.50
CA ASN A 404 -3.18 6.40 20.57
C ASN A 404 -2.16 6.39 21.69
N PHE A 405 -1.02 7.04 21.53
CA PHE A 405 0.05 7.00 22.51
C PHE A 405 0.26 8.31 23.25
N VAL A 406 -0.11 9.44 22.64
CA VAL A 406 0.09 10.74 23.27
C VAL A 406 -1.18 11.58 23.21
N GLY A 407 -2.30 10.94 22.90
CA GLY A 407 -3.54 11.68 22.81
C GLY A 407 -4.05 12.20 24.13
N TYR A 408 -3.96 11.38 25.18
CA TYR A 408 -4.53 11.73 26.49
C TYR A 408 -3.48 12.46 27.32
N LYS A 409 -3.41 13.78 27.14
CA LYS A 409 -2.53 14.64 27.92
C LYS A 409 -1.08 14.16 27.87
N GLY A 410 -0.67 13.71 26.70
CA GLY A 410 0.68 13.25 26.48
C GLY A 410 0.94 11.82 26.88
N LYS A 411 -0.06 11.12 27.40
CA LYS A 411 0.11 9.77 27.91
C LYS A 411 -0.72 8.80 27.06
N HIS A 412 -0.70 7.53 27.47
CA HIS A 412 -1.46 6.50 26.78
C HIS A 412 -2.96 6.72 26.93
N ILE A 413 -3.71 6.27 25.92
CA ILE A 413 -5.15 6.47 25.91
C ILE A 413 -5.82 5.70 27.04
N GLY A 414 -5.34 4.49 27.33
CA GLY A 414 -5.95 3.67 28.35
C GLY A 414 -5.87 4.25 29.75
N LYS A 415 -5.02 5.26 29.95
CA LYS A 415 -4.95 5.93 31.24
C LYS A 415 -6.15 6.82 31.51
N SER A 416 -7.02 7.03 30.51
CA SER A 416 -8.10 8.00 30.67
C SER A 416 -9.09 7.57 31.74
N GLY A 417 -9.46 6.30 31.77
CA GLY A 417 -10.50 5.86 32.67
C GLY A 417 -11.82 5.65 31.93
N LYS A 418 -12.11 6.57 31.01
CA LYS A 418 -13.23 6.37 30.10
C LYS A 418 -12.96 5.30 29.07
N VAL A 419 -11.73 4.80 28.97
CA VAL A 419 -11.36 3.76 28.02
C VAL A 419 -10.74 2.61 28.78
N ASP A 420 -11.34 1.43 28.65
CA ASP A 420 -10.73 0.18 29.10
C ASP A 420 -10.45 -0.66 27.87
N VAL A 421 -9.20 -1.08 27.72
CA VAL A 421 -8.75 -1.62 26.44
C VAL A 421 -9.40 -2.97 26.16
N ILE A 422 -9.47 -3.84 27.17
CA ILE A 422 -10.01 -5.19 26.97
C ILE A 422 -11.46 -5.13 26.53
N ASN A 423 -12.26 -4.34 27.22
CA ASN A 423 -13.68 -4.23 26.88
C ASN A 423 -13.88 -3.60 25.51
N ALA A 424 -13.08 -2.60 25.17
CA ALA A 424 -13.18 -1.98 23.86
C ALA A 424 -12.89 -3.00 22.76
N ALA A 425 -11.84 -3.80 22.94
CA ALA A 425 -11.52 -4.83 21.97
C ALA A 425 -12.65 -5.85 21.85
N LYS A 426 -13.22 -6.27 22.98
CA LYS A 426 -14.31 -7.25 22.94
C LYS A 426 -15.53 -6.70 22.21
N GLU A 427 -15.92 -5.46 22.52
CA GLU A 427 -17.08 -4.86 21.85
C GLU A 427 -16.84 -4.74 20.35
N LEU A 428 -15.65 -4.29 19.96
CA LEU A 428 -15.37 -4.15 18.55
C LEU A 428 -15.41 -5.50 17.84
N ILE A 429 -14.85 -6.54 18.45
CA ILE A 429 -14.84 -7.87 17.83
C ILE A 429 -16.27 -8.39 17.67
N PHE A 430 -17.09 -8.25 18.71
CA PHE A 430 -18.46 -8.74 18.63
C PHE A 430 -19.25 -7.98 17.57
N GLN A 431 -19.08 -6.66 17.50
CA GLN A 431 -19.77 -5.87 16.48
C GLN A 431 -19.35 -6.32 15.08
N ILE A 432 -18.05 -6.48 14.86
CA ILE A 432 -17.58 -6.87 13.52
C ILE A 432 -18.10 -8.25 13.16
N ALA A 433 -18.10 -9.18 14.11
CA ALA A 433 -18.54 -10.54 13.82
C ALA A 433 -20.03 -10.59 13.53
N ASN A 434 -20.83 -9.76 14.21
CA ASN A 434 -22.26 -9.74 13.93
C ASN A 434 -22.56 -9.05 12.61
N GLU A 435 -21.80 -8.02 12.26
CA GLU A 435 -22.07 -7.29 11.01
C GLU A 435 -21.70 -8.08 9.77
N LEU A 436 -20.86 -9.11 9.88
CA LEU A 436 -20.51 -9.92 8.73
C LEU A 436 -21.62 -10.85 8.27
N GLU A 437 -22.66 -11.06 9.09
CA GLU A 437 -23.79 -11.87 8.65
C GLU A 437 -24.70 -11.11 7.69
N ASP A 438 -24.84 -9.80 7.88
CA ASP A 438 -25.61 -8.96 6.96
C ASP A 438 -24.58 -8.28 6.06
N ALA A 439 -24.14 -9.01 5.04
CA ALA A 439 -23.05 -8.52 4.19
C ALA A 439 -23.52 -7.44 3.22
N SER A 440 -24.80 -7.45 2.83
CA SER A 440 -25.30 -6.46 1.89
C SER A 440 -25.27 -5.05 2.46
N ASN A 441 -25.18 -4.92 3.78
CA ASN A 441 -25.12 -3.63 4.45
C ASN A 441 -23.74 -3.36 5.06
N ILE A 442 -22.69 -3.96 4.50
CA ILE A 442 -21.35 -3.70 5.01
C ILE A 442 -20.94 -2.24 4.87
N PRO A 443 -21.08 -1.60 3.69
CA PRO A 443 -20.66 -0.18 3.60
C PRO A 443 -21.45 0.74 4.51
N VAL A 444 -22.73 0.45 4.75
CA VAL A 444 -23.54 1.33 5.60
C VAL A 444 -23.03 1.28 7.04
N HIS A 445 -22.76 0.08 7.55
CA HIS A 445 -22.32 -0.08 8.93
C HIS A 445 -20.86 0.31 9.13
N ALA A 446 -20.07 0.35 8.05
CA ALA A 446 -18.64 0.69 8.10
C ALA A 446 -17.88 -0.30 8.99
N THR A 447 -17.90 -1.56 8.55
CA THR A 447 -17.24 -2.62 9.30
C THR A 447 -15.72 -2.55 9.14
N LEU A 448 -15.23 -2.24 7.95
CA LEU A 448 -13.80 -2.25 7.70
C LEU A 448 -13.09 -1.12 8.45
N GLU A 449 -13.73 0.05 8.56
CA GLU A 449 -13.18 1.10 9.40
C GLU A 449 -13.09 0.65 10.84
N LYS A 450 -14.08 -0.12 11.30
CA LYS A 450 -14.01 -0.66 12.65
C LYS A 450 -12.84 -1.62 12.80
N PHE A 451 -12.58 -2.42 11.76
CA PHE A 451 -11.42 -3.30 11.81
C PHE A 451 -10.12 -2.52 11.93
N MET A 452 -10.00 -1.43 11.17
CA MET A 452 -8.81 -0.60 11.27
C MET A 452 -8.65 0.01 12.66
N ILE A 453 -9.75 0.48 13.24
CA ILE A 453 -9.69 1.04 14.59
C ILE A 453 -9.23 -0.03 15.59
N LEU A 454 -9.77 -1.25 15.47
CA LEU A 454 -9.37 -2.33 16.36
C LEU A 454 -7.88 -2.64 16.22
N CYS A 455 -7.38 -2.72 14.98
CA CYS A 455 -5.97 -3.02 14.78
C CYS A 455 -5.09 -1.92 15.36
N ASN A 456 -5.50 -0.66 15.21
CA ASN A 456 -4.77 0.43 15.84
C ASN A 456 -4.77 0.30 17.35
N LEU A 457 -5.93 -0.08 17.92
CA LEU A 457 -6.06 -0.09 19.37
C LEU A 457 -5.22 -1.20 20.01
N MET A 458 -5.13 -2.36 19.37
CA MET A 458 -4.39 -3.43 20.05
C MET A 458 -2.88 -3.29 19.94
N ARG A 459 -2.37 -2.30 19.22
CA ARG A 459 -0.92 -2.08 19.22
C ARG A 459 -0.43 -1.46 20.52
N THR A 460 -1.33 -1.12 21.44
CA THR A 460 -0.98 -0.55 22.74
C THR A 460 -1.34 -1.51 23.86
N MET A 461 -1.08 -2.80 23.65
CA MET A 461 -1.36 -3.84 24.64
C MET A 461 -0.11 -4.64 24.91
N ASN A 462 0.01 -5.13 26.15
CA ASN A 462 1.05 -6.09 26.48
C ASN A 462 0.48 -7.51 26.38
N ARG A 463 1.36 -8.50 26.55
CA ARG A 463 0.95 -9.89 26.37
C ARG A 463 -0.06 -10.34 27.42
N LYS A 464 0.06 -9.83 28.65
CA LYS A 464 -0.90 -10.18 29.69
C LYS A 464 -2.31 -9.77 29.31
N GLN A 465 -2.46 -8.56 28.77
CA GLN A 465 -3.78 -8.08 28.38
C GLN A 465 -4.36 -8.90 27.23
N ILE A 466 -3.53 -9.25 26.25
CA ILE A 466 -4.00 -10.08 25.15
C ILE A 466 -4.45 -11.44 25.66
N SER A 467 -3.68 -12.04 26.57
CA SER A 467 -4.05 -13.33 27.14
C SER A 467 -5.36 -13.23 27.91
N GLU A 468 -5.52 -12.17 28.69
CA GLU A 468 -6.77 -12.00 29.44
C GLU A 468 -7.95 -11.84 28.51
N LEU A 469 -7.80 -11.06 27.44
CA LEU A 469 -8.89 -10.90 26.48
C LEU A 469 -9.25 -12.21 25.80
N GLU A 470 -8.23 -12.97 25.38
CA GLU A 470 -8.48 -14.24 24.72
C GLU A 470 -9.21 -15.21 25.65
N SER A 471 -8.80 -15.26 26.92
CA SER A 471 -9.50 -16.10 27.87
C SER A 471 -10.91 -15.60 28.14
N ASN A 472 -11.12 -14.29 28.11
CA ASN A 472 -12.41 -13.71 28.48
C ASN A 472 -13.44 -13.87 27.38
N MET A 473 -13.02 -13.96 26.12
CA MET A 473 -13.99 -14.17 25.04
C MET A 473 -14.35 -15.62 24.82
N GLN A 474 -13.74 -16.56 25.57
CA GLN A 474 -14.08 -17.98 25.53
C GLN A 474 -13.92 -18.55 24.12
N ILE A 475 -12.69 -18.55 23.64
CA ILE A 475 -12.35 -19.03 22.31
C ILE A 475 -11.67 -20.39 22.45
N SER A 476 -12.20 -21.39 21.76
CA SER A 476 -11.60 -22.72 21.71
C SER A 476 -11.96 -23.36 20.38
N PRO A 477 -11.26 -22.99 19.30
CA PRO A 477 -11.65 -23.48 17.96
C PRO A 477 -11.65 -24.99 17.84
N ASN A 478 -10.82 -25.68 18.62
CA ASN A 478 -10.87 -27.14 18.62
C ASN A 478 -12.21 -27.65 19.13
N GLU A 479 -12.75 -27.00 20.15
CA GLU A 479 -14.07 -27.38 20.66
C GLU A 479 -15.20 -26.89 19.77
N LEU A 480 -15.04 -25.72 19.15
CA LEU A 480 -16.09 -25.16 18.32
C LEU A 480 -16.25 -25.95 17.04
N LYS A 481 -17.50 -26.07 16.56
CA LYS A 481 -17.80 -26.78 15.34
C LYS A 481 -18.05 -25.78 14.23
N PRO A 482 -17.18 -25.67 13.22
CA PRO A 482 -17.39 -24.66 12.17
C PRO A 482 -18.46 -25.02 11.15
N ASN A 483 -18.87 -26.28 11.07
CA ASN A 483 -19.79 -26.72 10.03
C ASN A 483 -21.26 -26.60 10.45
N ASP A 484 -21.54 -26.03 11.62
CA ASP A 484 -22.90 -25.90 12.11
C ASP A 484 -23.40 -24.48 11.86
N LYS A 485 -24.62 -24.38 11.31
CA LYS A 485 -25.21 -23.07 11.03
C LYS A 485 -25.58 -22.31 12.29
N SER A 486 -25.78 -23.00 13.41
CA SER A 486 -26.12 -22.29 14.64
C SER A 486 -24.92 -21.54 15.20
N GLN A 487 -23.73 -22.10 15.05
CA GLN A 487 -22.50 -21.49 15.56
C GLN A 487 -21.78 -20.82 14.39
N VAL A 488 -22.21 -19.60 14.07
CA VAL A 488 -21.56 -18.78 13.06
C VAL A 488 -20.88 -17.56 13.68
N ILE A 489 -21.52 -16.95 14.67
CA ILE A 489 -20.94 -15.78 15.32
C ILE A 489 -19.65 -16.15 16.04
N LYS A 490 -19.59 -17.35 16.63
CA LYS A 490 -18.38 -17.77 17.33
C LYS A 490 -17.20 -17.92 16.36
N GLN A 491 -17.44 -18.58 15.23
CA GLN A 491 -16.39 -18.71 14.22
C GLN A 491 -15.99 -17.36 13.68
N ASN A 492 -16.96 -16.45 13.52
CA ASN A 492 -16.63 -15.10 13.05
C ASN A 492 -15.77 -14.36 14.07
N THR A 493 -16.05 -14.53 15.37
CA THR A 493 -15.21 -13.92 16.38
C THR A 493 -13.79 -14.44 16.31
N TRP A 494 -13.64 -15.76 16.15
CA TRP A 494 -12.30 -16.33 16.00
C TRP A 494 -11.60 -15.73 14.79
N THR A 495 -12.30 -15.60 13.67
CA THR A 495 -11.69 -15.11 12.44
C THR A 495 -11.24 -13.66 12.60
N VAL A 496 -12.11 -12.81 13.15
CA VAL A 496 -11.77 -11.40 13.31
C VAL A 496 -10.60 -11.22 14.28
N PHE A 497 -10.61 -11.96 15.39
CA PHE A 497 -9.51 -11.87 16.35
C PHE A 497 -8.19 -12.32 15.72
N ARG A 498 -8.22 -13.42 14.98
CA ARG A 498 -7.02 -13.91 14.31
C ARG A 498 -6.47 -12.88 13.34
N ASP A 499 -7.35 -12.28 12.52
CA ASP A 499 -6.90 -11.29 11.56
C ASP A 499 -6.33 -10.07 12.24
N ALA A 500 -6.96 -9.61 13.33
CA ALA A 500 -6.47 -8.44 14.03
C ALA A 500 -5.09 -8.68 14.64
N ILE A 501 -4.88 -9.85 15.24
CA ILE A 501 -3.54 -10.14 15.76
C ILE A 501 -2.53 -10.27 14.64
N THR A 502 -2.93 -10.84 13.50
CA THR A 502 -2.01 -10.91 12.37
C THR A 502 -1.61 -9.53 11.89
N GLN A 503 -2.50 -8.55 11.97
CA GLN A 503 -2.20 -7.20 11.52
C GLN A 503 -1.63 -6.30 12.61
N THR A 504 -1.57 -6.75 13.87
CA THR A 504 -1.07 -5.89 14.94
C THR A 504 0.40 -5.55 14.74
N GLY A 505 1.25 -6.56 14.56
CA GLY A 505 2.64 -6.32 14.23
C GLY A 505 3.58 -6.07 15.39
N THR A 506 3.14 -6.24 16.63
CA THR A 506 3.98 -5.99 17.79
C THR A 506 4.52 -7.29 18.36
N GLY A 507 5.34 -7.17 19.40
CA GLY A 507 5.94 -8.30 20.07
C GLY A 507 4.98 -9.24 20.77
N PRO A 508 4.05 -8.68 21.56
CA PRO A 508 3.02 -9.54 22.16
C PRO A 508 2.19 -10.28 21.13
N ALA A 509 1.93 -9.68 19.97
CA ALA A 509 1.21 -10.38 18.92
C ALA A 509 1.97 -11.60 18.45
N PHE A 510 3.28 -11.47 18.27
CA PHE A 510 4.07 -12.61 17.82
C PHE A 510 4.14 -13.68 18.91
N LEU A 511 4.22 -13.28 20.18
CA LEU A 511 4.19 -14.26 21.25
C LEU A 511 2.85 -15.01 21.26
N THR A 512 1.75 -14.31 21.02
CA THR A 512 0.45 -14.95 20.93
C THR A 512 0.40 -15.96 19.79
N ILE A 513 0.93 -15.57 18.62
CA ILE A 513 0.93 -16.50 17.48
C ILE A 513 1.78 -17.73 17.80
N LYS A 514 2.92 -17.51 18.44
CA LYS A 514 3.80 -18.63 18.80
C LYS A 514 3.10 -19.59 19.75
N GLU A 515 2.40 -19.06 20.75
CA GLU A 515 1.66 -19.91 21.67
C GLU A 515 0.55 -20.67 20.96
N TRP A 516 -0.12 -20.01 20.01
CA TRP A 516 -1.17 -20.69 19.24
C TRP A 516 -0.60 -21.87 18.46
N ILE A 517 0.51 -21.65 17.75
CA ILE A 517 1.06 -22.72 16.93
C ILE A 517 1.63 -23.84 17.80
N GLU A 518 2.23 -23.49 18.94
CA GLU A 518 2.78 -24.51 19.84
C GLU A 518 1.69 -25.48 20.30
N ARG A 519 0.59 -24.94 20.83
CA ARG A 519 -0.43 -25.78 21.44
C ARG A 519 -1.23 -26.56 20.41
N GLY A 520 -1.65 -25.90 19.33
CA GLY A 520 -2.42 -26.57 18.30
C GLY A 520 -3.71 -25.87 17.93
N THR A 521 -3.86 -24.61 18.33
CA THR A 521 -5.04 -23.84 17.97
C THR A 521 -5.11 -23.54 16.49
N THR A 522 -3.98 -23.65 15.77
CA THR A 522 -3.94 -23.38 14.34
C THR A 522 -2.91 -24.31 13.73
N LYS A 523 -3.28 -25.06 12.69
CA LYS A 523 -2.48 -26.22 12.28
C LYS A 523 -1.77 -26.04 10.94
N SER A 524 -2.48 -25.96 9.82
CA SER A 524 -1.78 -26.04 8.54
C SER A 524 -2.01 -24.83 7.64
N MET A 525 -3.24 -24.63 7.16
CA MET A 525 -3.44 -23.61 6.13
C MET A 525 -3.67 -22.26 6.77
N GLU A 526 -4.40 -22.25 7.89
CA GLU A 526 -4.59 -21.02 8.64
C GLU A 526 -3.26 -20.50 9.17
N ALA A 527 -2.39 -21.40 9.63
CA ALA A 527 -1.07 -21.01 10.09
C ALA A 527 -0.19 -20.54 8.95
N ALA A 528 -0.27 -21.21 7.79
CA ALA A 528 0.49 -20.74 6.64
C ALA A 528 0.06 -19.34 6.23
N ASN A 529 -1.25 -19.07 6.25
CA ASN A 529 -1.74 -17.73 5.95
C ASN A 529 -1.25 -16.71 6.98
N ILE A 530 -1.22 -17.10 8.25
CA ILE A 530 -0.72 -16.19 9.28
C ILE A 530 0.74 -15.83 9.01
N MET A 531 1.56 -16.84 8.71
CA MET A 531 2.98 -16.59 8.45
C MET A 531 3.20 -15.82 7.15
N SER A 532 2.30 -15.95 6.18
CA SER A 532 2.52 -15.31 4.90
C SER A 532 2.40 -13.79 4.95
N LYS A 533 1.76 -13.24 5.98
CA LYS A 533 1.53 -11.80 6.05
C LYS A 533 2.45 -11.10 7.05
N LEU A 534 3.21 -11.85 7.84
CA LEU A 534 4.01 -11.24 8.90
C LEU A 534 5.07 -10.29 8.37
N PRO A 535 5.87 -10.62 7.35
CA PRO A 535 6.90 -9.68 6.90
C PRO A 535 6.35 -8.36 6.38
N LYS A 536 5.09 -8.30 5.98
CA LYS A 536 4.50 -7.08 5.45
C LYS A 536 3.80 -6.25 6.52
N THR A 537 3.77 -6.71 7.77
CA THR A 537 3.07 -5.98 8.82
C THR A 537 3.89 -5.73 10.08
N VAL A 538 5.10 -6.28 10.19
CA VAL A 538 5.91 -6.06 11.39
C VAL A 538 6.50 -4.66 11.32
N ARG A 539 6.44 -3.94 12.44
CA ARG A 539 6.86 -2.54 12.50
C ARG A 539 8.21 -2.34 13.16
N THR A 540 8.55 -3.15 14.17
CA THR A 540 9.81 -3.02 14.90
C THR A 540 10.49 -4.38 14.96
N PRO A 541 11.15 -4.79 13.88
CA PRO A 541 11.90 -6.05 13.89
C PRO A 541 13.24 -5.89 14.59
N THR A 542 13.34 -6.43 15.80
CA THR A 542 14.53 -6.34 16.62
C THR A 542 15.25 -7.68 16.67
N ASP A 543 16.32 -7.72 17.46
CA ASP A 543 17.08 -8.97 17.60
C ASP A 543 16.29 -10.01 18.39
N SER A 544 15.56 -9.59 19.42
CA SER A 544 14.77 -10.54 20.20
C SER A 544 13.63 -11.13 19.37
N TYR A 545 12.99 -10.30 18.54
CA TYR A 545 11.94 -10.78 17.65
C TYR A 545 12.45 -11.89 16.74
N ILE A 546 13.59 -11.66 16.11
CA ILE A 546 14.16 -12.66 15.20
C ILE A 546 14.60 -13.90 15.96
N ARG A 547 15.14 -13.72 17.17
CA ARG A 547 15.52 -14.88 17.98
C ARG A 547 14.31 -15.75 18.28
N SER A 548 13.19 -15.14 18.65
CA SER A 548 11.98 -15.90 18.90
C SER A 548 11.47 -16.57 17.63
N PHE A 549 11.56 -15.87 16.50
CA PHE A 549 11.14 -16.48 15.25
C PHE A 549 11.98 -17.73 14.94
N PHE A 550 13.28 -17.66 15.19
CA PHE A 550 14.16 -18.80 14.98
C PHE A 550 13.77 -19.96 15.89
N GLU A 551 13.52 -19.66 17.16
CA GLU A 551 13.09 -20.70 18.09
C GLU A 551 11.80 -21.35 17.62
N LEU A 552 10.88 -20.57 17.06
CA LEU A 552 9.67 -21.14 16.50
C LEU A 552 9.97 -22.03 15.29
N LEU A 553 10.90 -21.60 14.44
CA LEU A 553 11.28 -22.41 13.29
C LEU A 553 11.84 -23.76 13.70
N GLN A 554 12.47 -23.83 14.87
CA GLN A 554 13.04 -25.11 15.32
C GLN A 554 11.99 -26.07 15.87
N ASN A 555 10.74 -25.65 16.01
CA ASN A 555 9.73 -26.47 16.68
C ASN A 555 9.41 -27.71 15.86
N PRO A 556 9.12 -28.84 16.51
CA PRO A 556 8.74 -30.05 15.75
C PRO A 556 7.49 -29.87 14.91
N LYS A 557 6.50 -29.13 15.40
CA LYS A 557 5.23 -29.02 14.70
C LYS A 557 5.38 -28.28 13.38
N VAL A 558 6.14 -27.17 13.37
CA VAL A 558 6.33 -26.42 12.14
C VAL A 558 7.20 -27.18 11.16
N SER A 559 8.25 -27.83 11.66
CA SER A 559 9.21 -28.48 10.77
C SER A 559 8.60 -29.66 10.03
N ASN A 560 7.76 -30.45 10.70
CA ASN A 560 7.28 -31.68 10.10
C ASN A 560 6.22 -31.43 9.04
N GLU A 561 5.35 -30.44 9.24
CA GLU A 561 4.38 -30.08 8.24
C GLU A 561 5.08 -29.43 7.04
N GLN A 562 4.73 -29.89 5.84
CA GLN A 562 5.42 -29.40 4.64
C GLN A 562 4.97 -27.99 4.29
N PHE A 563 3.68 -27.70 4.38
CA PHE A 563 3.19 -26.41 3.92
C PHE A 563 3.55 -25.27 4.88
N LEU A 564 3.44 -25.50 6.18
CA LEU A 564 3.77 -24.45 7.14
C LEU A 564 5.25 -24.09 7.10
N ASN A 565 6.10 -25.08 6.86
CA ASN A 565 7.54 -24.85 6.87
C ASN A 565 7.97 -23.85 5.80
N THR A 566 7.44 -23.99 4.58
CA THR A 566 7.84 -23.09 3.50
C THR A 566 7.46 -21.65 3.81
N ALA A 567 6.22 -21.45 4.28
CA ALA A 567 5.76 -20.10 4.59
C ALA A 567 6.60 -19.50 5.70
N ALA A 568 6.86 -20.26 6.76
CA ALA A 568 7.63 -19.75 7.88
C ALA A 568 9.05 -19.38 7.46
N THR A 569 9.70 -20.27 6.70
CA THR A 569 11.08 -20.02 6.30
C THR A 569 11.18 -18.78 5.39
N LEU A 570 10.27 -18.67 4.42
CA LEU A 570 10.31 -17.50 3.54
C LEU A 570 10.07 -16.21 4.30
N SER A 571 9.11 -16.20 5.22
CA SER A 571 8.85 -14.99 6.01
C SER A 571 10.05 -14.63 6.88
N PHE A 572 10.68 -15.63 7.50
CA PHE A 572 11.87 -15.39 8.30
C PHE A 572 12.96 -14.73 7.48
N CYS A 573 13.24 -15.27 6.30
CA CYS A 573 14.31 -14.73 5.48
C CYS A 573 13.99 -13.32 4.99
N GLU A 574 12.73 -13.07 4.62
CA GLU A 574 12.34 -11.73 4.20
C GLU A 574 12.55 -10.72 5.32
N MET A 575 12.16 -11.07 6.54
CA MET A 575 12.37 -10.16 7.66
C MET A 575 13.85 -9.92 7.92
N ILE A 576 14.67 -10.98 7.87
CA ILE A 576 16.11 -10.82 8.04
C ILE A 576 16.65 -9.82 7.04
N HIS A 577 16.28 -9.98 5.76
CA HIS A 577 16.80 -9.08 4.74
C HIS A 577 16.36 -7.64 4.99
N ASN A 578 15.06 -7.42 5.17
CA ASN A 578 14.54 -6.07 5.28
C ASN A 578 14.96 -5.38 6.57
N ALA A 579 15.42 -6.14 7.57
CA ALA A 579 15.86 -5.51 8.81
C ALA A 579 17.37 -5.40 8.95
N GLN A 580 18.14 -6.17 8.18
CA GLN A 580 19.58 -6.11 8.40
C GLN A 580 20.40 -5.91 7.14
N VAL A 581 19.98 -6.45 6.00
CA VAL A 581 20.87 -6.50 4.85
C VAL A 581 20.83 -5.18 4.08
N ASN A 582 19.64 -4.72 3.71
CA ASN A 582 19.48 -3.56 2.84
C ASN A 582 19.44 -2.28 3.66
N LYS A 583 20.45 -1.42 3.47
CA LYS A 583 20.50 -0.17 4.22
C LYS A 583 19.33 0.75 3.86
N ARG A 584 18.93 0.76 2.58
CA ARG A 584 17.76 1.52 2.17
C ARG A 584 16.51 1.02 2.89
N SER A 585 16.37 -0.30 2.99
CA SER A 585 15.25 -0.87 3.73
C SER A 585 15.35 -0.56 5.22
N ILE A 586 16.56 -0.59 5.76
CA ILE A 586 16.74 -0.31 7.20
C ILE A 586 16.31 1.11 7.53
N HIS A 587 16.71 2.07 6.69
CA HIS A 587 16.45 3.48 7.01
C HIS A 587 15.08 3.97 6.56
N ASN A 588 14.65 3.63 5.34
CA ASN A 588 13.49 4.26 4.74
C ASN A 588 12.19 3.50 4.98
N ASN A 589 12.20 2.41 5.74
CA ASN A 589 10.99 1.61 5.95
C ASN A 589 10.61 1.42 7.40
N TYR A 590 11.48 1.77 8.35
CA TYR A 590 11.19 1.56 9.76
C TYR A 590 11.47 2.83 10.54
N PRO A 591 10.77 3.04 11.66
CA PRO A 591 10.93 4.30 12.39
C PRO A 591 12.27 4.40 13.09
N VAL A 592 13.33 4.66 12.33
CA VAL A 592 14.68 4.70 12.89
C VAL A 592 14.86 5.94 13.77
N HIS A 593 14.33 7.08 13.35
CA HIS A 593 14.57 8.32 14.08
C HIS A 593 13.75 8.41 15.36
N THR A 594 13.07 7.34 15.76
CA THR A 594 12.40 7.27 17.04
C THR A 594 12.99 6.23 17.97
N PHE A 595 13.46 5.10 17.43
CA PHE A 595 14.03 4.03 18.24
C PHE A 595 15.50 3.78 17.97
N GLY A 596 16.10 4.49 17.03
CA GLY A 596 17.46 4.18 16.63
C GLY A 596 17.49 3.02 15.65
N ARG A 597 18.71 2.62 15.30
CA ARG A 597 18.88 1.48 14.41
C ARG A 597 18.38 0.21 15.08
N LEU A 598 17.58 -0.57 14.33
CA LEU A 598 16.91 -1.73 14.91
C LEU A 598 17.91 -2.79 15.36
N THR A 599 18.91 -3.08 14.53
CA THR A 599 19.87 -4.14 14.82
C THR A 599 21.27 -3.56 14.92
N SER A 600 21.96 -3.85 16.03
CA SER A 600 23.32 -3.37 16.23
C SER A 600 24.26 -4.02 15.22
N LYS A 601 25.23 -3.24 14.75
CA LYS A 601 26.17 -3.74 13.76
C LYS A 601 27.12 -4.79 14.34
N HIS A 602 27.19 -4.90 15.66
CA HIS A 602 28.09 -5.83 16.31
C HIS A 602 27.47 -7.20 16.54
N ASP A 603 26.21 -7.39 16.15
CA ASP A 603 25.54 -8.68 16.32
C ASP A 603 25.94 -9.60 15.18
N ASN A 604 26.79 -10.59 15.48
CA ASN A 604 27.19 -11.60 14.52
C ASN A 604 26.28 -12.81 14.55
N SER A 605 25.03 -12.64 14.97
CA SER A 605 24.10 -13.77 15.05
C SER A 605 23.84 -14.37 13.67
N LEU A 606 23.72 -13.52 12.65
CA LEU A 606 23.41 -13.97 11.31
C LEU A 606 24.45 -14.98 10.82
N TYR A 607 25.69 -14.54 10.63
CA TYR A 607 26.71 -15.36 10.02
C TYR A 607 27.11 -16.57 10.87
N ASP A 608 26.86 -16.55 12.17
CA ASP A 608 27.26 -17.64 13.03
C ASP A 608 26.15 -18.62 13.35
N GLU A 609 24.87 -18.23 13.20
CA GLU A 609 23.77 -19.10 13.53
C GLU A 609 22.82 -19.36 12.37
N TYR A 610 22.40 -18.34 11.64
CA TYR A 610 21.25 -18.49 10.76
C TYR A 610 21.63 -19.10 9.42
N ILE A 611 22.58 -18.47 8.71
CA ILE A 611 22.98 -18.99 7.41
C ILE A 611 23.50 -20.42 7.49
N PRO A 612 24.34 -20.79 8.46
CA PRO A 612 24.72 -22.22 8.56
C PRO A 612 23.54 -23.15 8.75
N PHE A 613 22.51 -22.71 9.48
CA PHE A 613 21.33 -23.54 9.68
C PHE A 613 20.63 -23.83 8.36
N LEU A 614 20.45 -22.79 7.55
CA LEU A 614 19.82 -22.97 6.24
C LEU A 614 20.70 -23.81 5.32
N GLU A 615 22.02 -23.67 5.43
CA GLU A 615 22.91 -24.49 4.63
C GLU A 615 22.77 -25.97 4.99
N ARG A 616 22.72 -26.28 6.29
CA ARG A 616 22.54 -27.66 6.71
C ARG A 616 21.20 -28.21 6.24
N GLU A 617 20.15 -27.41 6.36
CA GLU A 617 18.83 -27.86 5.90
C GLU A 617 18.82 -28.12 4.40
N LEU A 618 19.46 -27.24 3.62
CA LEU A 618 19.52 -27.44 2.18
C LEU A 618 20.29 -28.72 1.85
N ARG A 619 21.39 -28.98 2.56
CA ARG A 619 22.14 -30.20 2.31
C ARG A 619 21.31 -31.44 2.61
N LYS A 620 20.60 -31.45 3.73
CA LYS A 620 19.76 -32.59 4.07
C LYS A 620 18.65 -32.79 3.05
N ALA A 621 18.01 -31.69 2.63
CA ALA A 621 16.93 -31.79 1.64
C ALA A 621 17.45 -32.32 0.32
N HIS A 622 18.62 -31.85 -0.11
CA HIS A 622 19.20 -32.33 -1.35
C HIS A 622 19.56 -33.80 -1.26
N GLN A 623 20.02 -34.26 -0.09
CA GLN A 623 20.37 -35.67 0.06
C GLN A 623 19.15 -36.57 -0.09
N GLU A 624 18.01 -36.17 0.45
CA GLU A 624 16.80 -37.00 0.43
C GLU A 624 16.02 -36.92 -0.87
N LYS A 625 16.35 -35.98 -1.76
CA LYS A 625 15.67 -35.80 -3.03
C LYS A 625 14.18 -35.49 -2.84
N ASP A 626 13.92 -34.39 -2.15
CA ASP A 626 12.57 -33.84 -1.98
C ASP A 626 12.52 -32.49 -2.68
N SER A 627 11.73 -32.41 -3.76
CA SER A 627 11.71 -31.18 -4.56
C SER A 627 11.19 -29.97 -3.80
N PRO A 628 10.05 -30.01 -3.09
CA PRO A 628 9.56 -28.78 -2.46
C PRO A 628 10.49 -28.22 -1.40
N ARG A 629 11.13 -29.09 -0.61
CA ARG A 629 12.05 -28.63 0.41
C ARG A 629 13.26 -27.94 -0.21
N ILE A 630 13.80 -28.52 -1.28
CA ILE A 630 14.93 -27.92 -1.97
C ILE A 630 14.55 -26.55 -2.50
N GLN A 631 13.38 -26.46 -3.13
CA GLN A 631 12.95 -25.17 -3.68
C GLN A 631 12.78 -24.14 -2.57
N THR A 632 12.18 -24.56 -1.45
CA THR A 632 11.96 -23.63 -0.35
C THR A 632 13.27 -23.08 0.18
N TYR A 633 14.26 -23.94 0.37
CA TYR A 633 15.52 -23.44 0.94
C TYR A 633 16.33 -22.64 -0.08
N ILE A 634 16.20 -22.96 -1.37
CA ILE A 634 16.84 -22.13 -2.38
C ILE A 634 16.25 -20.72 -2.38
N MET A 635 14.92 -20.62 -2.34
CA MET A 635 14.30 -19.30 -2.26
C MET A 635 14.68 -18.59 -0.96
N ALA A 636 14.76 -19.35 0.13
CA ALA A 636 15.10 -18.76 1.42
C ALA A 636 16.49 -18.14 1.41
N LEU A 637 17.47 -18.87 0.88
CA LEU A 637 18.82 -18.29 0.77
C LEU A 637 18.88 -17.18 -0.26
N GLY A 638 18.04 -17.23 -1.29
CA GLY A 638 18.05 -16.16 -2.27
C GLY A 638 17.53 -14.85 -1.72
N MET A 639 16.50 -14.90 -0.87
CA MET A 639 15.86 -13.67 -0.42
C MET A 639 16.67 -12.89 0.60
N ILE A 640 17.73 -13.47 1.16
CA ILE A 640 18.54 -12.74 2.13
C ILE A 640 19.27 -11.58 1.46
N GLY A 641 19.95 -11.85 0.34
CA GLY A 641 20.63 -10.79 -0.39
C GLY A 641 22.02 -10.42 0.11
N GLU A 642 22.52 -11.10 1.14
CA GLU A 642 23.87 -10.84 1.60
C GLU A 642 24.88 -11.49 0.66
N PRO A 643 26.06 -10.90 0.50
CA PRO A 643 27.07 -11.51 -0.38
C PRO A 643 27.55 -12.89 0.04
N LYS A 644 27.36 -13.29 1.30
CA LYS A 644 27.80 -14.62 1.73
C LYS A 644 26.99 -15.72 1.07
N ILE A 645 25.78 -15.42 0.58
CA ILE A 645 25.00 -16.43 -0.10
C ILE A 645 25.68 -16.89 -1.38
N LEU A 646 26.59 -16.08 -1.94
CA LEU A 646 27.37 -16.54 -3.07
C LEU A 646 28.28 -17.70 -2.68
N SER A 647 28.96 -17.58 -1.55
CA SER A 647 29.75 -18.70 -1.05
C SER A 647 28.88 -19.88 -0.68
N VAL A 648 27.66 -19.61 -0.18
CA VAL A 648 26.74 -20.69 0.15
C VAL A 648 26.34 -21.46 -1.10
N PHE A 649 26.04 -20.75 -2.19
CA PHE A 649 25.63 -21.37 -3.45
C PHE A 649 26.79 -21.88 -4.28
N GLU A 650 28.03 -21.51 -3.96
CA GLU A 650 29.16 -21.86 -4.81
C GLU A 650 29.32 -23.36 -5.07
N PRO A 651 29.25 -24.25 -4.08
CA PRO A 651 29.45 -25.68 -4.40
C PRO A 651 28.46 -26.23 -5.40
N TYR A 652 27.21 -25.76 -5.39
CA TYR A 652 26.22 -26.26 -6.33
C TYR A 652 26.44 -25.69 -7.73
N LEU A 653 26.77 -24.40 -7.82
CA LEU A 653 26.93 -23.77 -9.13
C LEU A 653 28.12 -24.33 -9.89
N GLU A 654 29.24 -24.57 -9.21
CA GLU A 654 30.45 -25.00 -9.90
C GLU A 654 30.27 -26.36 -10.55
N GLY A 655 29.62 -27.30 -9.87
CA GLY A 655 29.37 -28.60 -10.45
C GLY A 655 29.83 -29.77 -9.61
N LYS A 656 30.36 -29.49 -8.42
CA LYS A 656 30.76 -30.58 -7.53
C LYS A 656 29.55 -31.37 -7.05
N GLN A 657 28.45 -30.68 -6.74
CA GLN A 657 27.21 -31.31 -6.30
C GLN A 657 26.20 -31.28 -7.44
N GLN A 658 25.59 -32.43 -7.71
CA GLN A 658 24.67 -32.54 -8.84
C GLN A 658 23.37 -31.82 -8.55
N MET A 659 22.78 -31.23 -9.59
CA MET A 659 21.55 -30.48 -9.46
C MET A 659 20.89 -30.40 -10.83
N THR A 660 19.56 -30.43 -10.84
CA THR A 660 18.81 -30.43 -12.09
C THR A 660 18.71 -29.02 -12.68
N VAL A 661 18.18 -28.95 -13.90
CA VAL A 661 18.15 -27.69 -14.63
C VAL A 661 17.12 -26.73 -14.03
N PHE A 662 15.97 -27.25 -13.62
CA PHE A 662 14.96 -26.40 -12.98
C PHE A 662 15.50 -25.79 -11.69
N GLN A 663 16.17 -26.60 -10.87
CA GLN A 663 16.72 -26.11 -9.62
C GLN A 663 17.82 -25.09 -9.87
N ARG A 664 18.66 -25.32 -10.89
CA ARG A 664 19.70 -24.36 -11.22
C ARG A 664 19.11 -23.04 -11.69
N THR A 665 18.04 -23.10 -12.49
CA THR A 665 17.38 -21.89 -12.94
C THR A 665 16.79 -21.13 -11.76
N LEU A 666 16.18 -21.84 -10.81
CA LEU A 666 15.67 -21.19 -9.62
C LEU A 666 16.79 -20.53 -8.83
N MET A 667 17.93 -21.21 -8.72
CA MET A 667 19.07 -20.64 -8.00
C MET A 667 19.58 -19.37 -8.67
N VAL A 668 19.69 -19.38 -10.01
CA VAL A 668 20.19 -18.21 -10.71
C VAL A 668 19.21 -17.06 -10.61
N GLY A 669 17.91 -17.35 -10.67
CA GLY A 669 16.93 -16.30 -10.55
C GLY A 669 16.73 -15.77 -9.15
N SER A 670 17.12 -16.55 -8.14
CA SER A 670 17.00 -16.09 -6.76
C SER A 670 17.99 -14.99 -6.41
N LEU A 671 18.96 -14.70 -7.28
CA LEU A 671 19.98 -13.69 -7.03
C LEU A 671 19.50 -12.28 -7.29
N GLY A 672 18.18 -12.06 -7.36
CA GLY A 672 17.67 -10.77 -7.74
C GLY A 672 17.98 -9.67 -6.74
N LYS A 673 17.80 -9.96 -5.46
CA LYS A 673 18.04 -8.93 -4.45
C LYS A 673 19.52 -8.64 -4.25
N LEU A 674 20.40 -9.49 -4.77
CA LEU A 674 21.82 -9.16 -4.74
C LEU A 674 22.16 -8.10 -5.78
N THR A 675 21.47 -8.10 -6.92
CA THR A 675 21.69 -7.08 -7.93
C THR A 675 21.28 -5.70 -7.42
N GLU A 676 20.21 -5.64 -6.63
CA GLU A 676 19.76 -4.36 -6.09
C GLU A 676 20.79 -3.76 -5.14
N THR A 677 21.39 -4.59 -4.28
CA THR A 677 22.26 -4.08 -3.22
C THR A 677 23.72 -4.02 -3.63
N ASN A 678 24.23 -5.03 -4.34
CA ASN A 678 25.63 -5.10 -4.76
C ASN A 678 25.68 -5.22 -6.28
N PRO A 679 25.46 -4.12 -7.00
CA PRO A 679 25.37 -4.21 -8.47
C PRO A 679 26.63 -4.73 -9.14
N LYS A 680 27.82 -4.36 -8.67
CA LYS A 680 29.03 -4.71 -9.39
C LYS A 680 29.33 -6.20 -9.32
N LEU A 681 29.29 -6.76 -8.11
CA LEU A 681 29.56 -8.19 -7.93
C LEU A 681 28.50 -9.04 -8.62
N ALA A 682 27.24 -8.65 -8.48
CA ALA A 682 26.16 -9.35 -9.16
C ALA A 682 26.35 -9.30 -10.66
N ARG A 683 26.74 -8.13 -11.20
CA ARG A 683 26.98 -8.03 -12.63
C ARG A 683 28.11 -8.96 -13.06
N SER A 684 29.17 -9.03 -12.26
CA SER A 684 30.30 -9.89 -12.60
C SER A 684 29.86 -11.35 -12.68
N VAL A 685 29.13 -11.83 -11.67
CA VAL A 685 28.75 -13.24 -11.66
C VAL A 685 27.73 -13.55 -12.76
N LEU A 686 26.78 -12.65 -12.99
CA LEU A 686 25.78 -12.89 -14.01
C LEU A 686 26.38 -12.85 -15.41
N TYR A 687 27.32 -11.92 -15.65
CA TYR A 687 28.03 -11.91 -16.92
C TYR A 687 28.84 -13.19 -17.11
N LYS A 688 29.48 -13.66 -16.04
CA LYS A 688 30.22 -14.91 -16.15
C LYS A 688 29.30 -16.06 -16.54
N ILE A 689 28.09 -16.11 -15.96
CA ILE A 689 27.14 -17.14 -16.32
C ILE A 689 26.75 -17.01 -17.80
N TYR A 690 26.44 -15.79 -18.23
CA TYR A 690 26.07 -15.55 -19.63
C TYR A 690 27.15 -16.01 -20.60
N LEU A 691 28.40 -15.61 -20.38
CA LEU A 691 29.43 -15.83 -21.39
C LEU A 691 29.64 -17.31 -21.69
N ASN A 692 29.22 -18.19 -20.78
CA ASN A 692 29.32 -19.62 -21.02
C ASN A 692 28.32 -20.05 -22.08
N THR A 693 28.77 -20.90 -23.00
CA THR A 693 27.92 -21.44 -24.05
C THR A 693 27.46 -22.87 -23.76
N MET A 694 27.84 -23.44 -22.62
CA MET A 694 27.50 -24.81 -22.28
C MET A 694 26.34 -24.92 -21.29
N GLU A 695 25.72 -23.81 -20.92
CA GLU A 695 24.57 -23.84 -20.02
C GLU A 695 23.28 -23.89 -20.83
N SER A 696 22.25 -24.45 -20.21
CA SER A 696 20.94 -24.53 -20.87
C SER A 696 20.39 -23.13 -21.07
N HIS A 697 19.56 -22.98 -22.11
CA HIS A 697 19.12 -21.65 -22.50
C HIS A 697 18.25 -21.00 -21.44
N GLU A 698 17.58 -21.77 -20.60
CA GLU A 698 16.76 -21.18 -19.55
C GLU A 698 17.58 -20.70 -18.36
N VAL A 699 18.90 -20.93 -18.37
CA VAL A 699 19.80 -20.27 -17.44
C VAL A 699 20.30 -18.94 -18.01
N ARG A 700 20.73 -18.96 -19.27
CA ARG A 700 21.32 -17.77 -19.88
C ARG A 700 20.27 -16.70 -20.14
N CYS A 701 19.05 -17.10 -20.50
CA CYS A 701 17.99 -16.11 -20.67
C CYS A 701 17.69 -15.42 -19.36
N THR A 702 17.69 -16.16 -18.26
CA THR A 702 17.51 -15.55 -16.94
C THR A 702 18.65 -14.60 -16.63
N ALA A 703 19.88 -14.98 -16.99
CA ALA A 703 21.01 -14.08 -16.77
C ALA A 703 20.84 -12.78 -17.53
N VAL A 704 20.38 -12.85 -18.79
CA VAL A 704 20.17 -11.65 -19.58
C VAL A 704 19.08 -10.79 -18.95
N PHE A 705 17.96 -11.42 -18.57
CA PHE A 705 16.86 -10.67 -17.97
C PHE A 705 17.27 -10.03 -16.65
N LEU A 706 18.25 -10.61 -15.96
CA LEU A 706 18.69 -10.05 -14.69
C LEU A 706 19.77 -8.99 -14.83
N LEU A 707 20.62 -9.09 -15.85
CA LEU A 707 21.70 -8.11 -16.02
C LEU A 707 21.15 -6.70 -16.18
N MET A 708 20.11 -6.54 -17.00
CA MET A 708 19.57 -5.21 -17.29
C MET A 708 18.84 -4.59 -16.11
N LYS A 709 18.89 -5.19 -14.93
CA LYS A 709 18.43 -4.53 -13.72
C LYS A 709 19.58 -3.87 -12.95
N THR A 710 20.80 -3.91 -13.48
CA THR A 710 21.97 -3.38 -12.81
C THR A 710 22.60 -2.20 -13.53
N ASN A 711 21.98 -1.69 -14.61
CA ASN A 711 22.48 -0.56 -15.39
C ASN A 711 23.91 -0.78 -15.85
N PRO A 712 24.15 -1.66 -16.82
CA PRO A 712 25.51 -1.97 -17.25
C PRO A 712 26.20 -0.78 -17.90
N PRO A 713 27.51 -0.86 -18.15
CA PRO A 713 28.18 0.21 -18.89
C PRO A 713 28.14 0.00 -20.40
N LEU A 714 28.65 0.99 -21.14
CA LEU A 714 28.48 0.99 -22.59
C LEU A 714 29.21 -0.18 -23.25
N SER A 715 30.43 -0.46 -22.80
CA SER A 715 31.21 -1.54 -23.41
C SER A 715 30.52 -2.88 -23.25
N MET A 716 29.87 -3.08 -22.10
CA MET A 716 29.13 -4.32 -21.83
C MET A 716 28.04 -4.53 -22.89
N LEU A 717 27.19 -3.53 -23.08
CA LEU A 717 26.11 -3.65 -24.05
C LEU A 717 26.65 -3.78 -25.45
N GLN A 718 27.73 -3.06 -25.76
CA GLN A 718 28.34 -3.15 -27.08
C GLN A 718 28.80 -4.57 -27.37
N ARG A 719 29.50 -5.19 -26.42
CA ARG A 719 29.97 -6.55 -26.62
C ARG A 719 28.79 -7.53 -26.71
N MET A 720 27.78 -7.35 -25.87
CA MET A 720 26.62 -8.24 -25.91
C MET A 720 25.93 -8.17 -27.26
N ALA A 721 25.74 -6.96 -27.79
CA ALA A 721 25.11 -6.81 -29.09
C ALA A 721 25.97 -7.39 -30.20
N GLU A 722 27.29 -7.16 -30.14
CA GLU A 722 28.16 -7.72 -31.16
C GLU A 722 28.18 -9.24 -31.12
N PHE A 723 27.87 -9.84 -29.97
CA PHE A 723 27.89 -11.29 -29.83
C PHE A 723 26.82 -11.98 -30.67
N THR A 724 25.79 -11.26 -31.11
CA THR A 724 24.67 -11.90 -31.78
C THR A 724 25.06 -12.55 -33.11
N LYS A 725 26.06 -12.00 -33.80
CA LYS A 725 26.41 -12.52 -35.11
C LYS A 725 26.93 -13.95 -35.03
N LEU A 726 27.76 -14.25 -34.02
CA LEU A 726 28.37 -15.57 -33.93
C LEU A 726 27.69 -16.47 -32.89
N ASP A 727 26.78 -15.94 -32.09
CA ASP A 727 26.05 -16.78 -31.14
C ASP A 727 25.15 -17.76 -31.91
N THR A 728 25.10 -19.00 -31.41
CA THR A 728 24.42 -20.07 -32.12
C THR A 728 23.12 -20.50 -31.44
N ASN A 729 22.66 -19.78 -30.41
CA ASN A 729 21.39 -20.09 -29.75
C ASN A 729 20.36 -19.03 -30.12
N ARG A 730 19.22 -19.50 -30.62
CA ARG A 730 18.15 -18.58 -31.03
C ARG A 730 17.51 -17.91 -29.82
N GLN A 731 17.35 -18.65 -28.73
CA GLN A 731 16.67 -18.11 -27.55
C GLN A 731 17.44 -16.95 -26.96
N VAL A 732 18.76 -17.11 -26.80
CA VAL A 732 19.57 -16.05 -26.21
C VAL A 732 19.60 -14.82 -27.10
N ASN A 733 19.76 -15.02 -28.41
CA ASN A 733 19.77 -13.90 -29.33
C ASN A 733 18.43 -13.17 -29.33
N SER A 734 17.33 -13.92 -29.32
CA SER A 734 16.02 -13.28 -29.27
C SER A 734 15.87 -12.48 -28.00
N ALA A 735 16.34 -13.02 -26.88
CA ALA A 735 16.25 -12.29 -25.61
C ALA A 735 17.00 -10.97 -25.68
N VAL A 736 18.26 -11.02 -26.11
CA VAL A 736 19.07 -9.80 -26.11
C VAL A 736 18.52 -8.78 -27.11
N LYS A 737 18.13 -9.24 -28.30
CA LYS A 737 17.63 -8.31 -29.31
C LYS A 737 16.32 -7.66 -28.87
N SER A 738 15.38 -8.46 -28.36
CA SER A 738 14.12 -7.89 -27.92
C SER A 738 14.34 -6.92 -26.78
N THR A 739 15.19 -7.28 -25.81
CA THR A 739 15.42 -6.39 -24.68
C THR A 739 16.05 -5.07 -25.12
N ILE A 740 17.08 -5.13 -25.97
CA ILE A 740 17.74 -3.90 -26.41
C ILE A 740 16.79 -3.04 -27.22
N GLN A 741 16.05 -3.64 -28.16
CA GLN A 741 15.14 -2.85 -29.00
C GLN A 741 14.02 -2.23 -28.18
N SER A 742 13.40 -2.99 -27.28
CA SER A 742 12.33 -2.45 -26.46
C SER A 742 12.85 -1.54 -25.37
N LEU A 743 14.16 -1.50 -25.15
CA LEU A 743 14.78 -0.60 -24.19
C LEU A 743 15.10 0.76 -24.80
N MET A 744 14.51 1.09 -25.94
CA MET A 744 14.71 2.35 -26.63
C MET A 744 13.62 3.38 -26.34
N LYS A 745 12.36 2.99 -26.50
CA LYS A 745 11.24 3.91 -26.33
C LYS A 745 11.05 4.35 -24.88
N LEU A 746 11.94 3.95 -23.98
CA LEU A 746 11.80 4.27 -22.56
C LEU A 746 12.30 5.68 -22.32
N LYS A 747 11.40 6.66 -22.45
CA LYS A 747 11.71 8.06 -22.13
C LYS A 747 11.16 8.35 -20.74
N SER A 748 11.87 7.86 -19.74
CA SER A 748 11.51 8.02 -18.35
C SER A 748 12.72 8.51 -17.57
N PRO A 749 12.52 9.15 -16.42
CA PRO A 749 13.67 9.57 -15.61
C PRO A 749 14.53 8.43 -15.12
N GLU A 750 14.02 7.19 -15.14
CA GLU A 750 14.78 6.06 -14.61
C GLU A 750 15.67 5.39 -15.65
N TRP A 751 15.16 5.18 -16.87
CA TRP A 751 15.87 4.42 -17.88
C TRP A 751 16.47 5.29 -18.97
N LYS A 752 16.65 6.58 -18.71
CA LYS A 752 17.10 7.50 -19.76
C LYS A 752 18.48 7.15 -20.26
N ASP A 753 19.45 6.99 -19.34
CA ASP A 753 20.82 6.72 -19.74
C ASP A 753 20.93 5.37 -20.44
N LEU A 754 20.24 4.36 -19.90
CA LEU A 754 20.26 3.04 -20.52
C LEU A 754 19.58 3.07 -21.89
N ALA A 755 18.54 3.90 -22.03
CA ALA A 755 17.91 4.07 -23.34
C ALA A 755 18.88 4.68 -24.34
N LYS A 756 19.64 5.69 -23.91
CA LYS A 756 20.62 6.30 -24.80
C LYS A 756 21.70 5.30 -25.21
N LYS A 757 22.15 4.49 -24.26
CA LYS A 757 23.17 3.49 -24.57
C LYS A 757 22.63 2.44 -25.54
N ALA A 758 21.39 2.01 -25.35
CA ALA A 758 20.77 1.08 -26.28
C ALA A 758 20.65 1.68 -27.67
N ARG A 759 20.28 2.96 -27.74
CA ARG A 759 20.21 3.63 -29.03
C ARG A 759 21.57 3.68 -29.69
N SER A 760 22.62 3.96 -28.92
CA SER A 760 23.96 4.00 -29.48
C SER A 760 24.41 2.64 -29.97
N VAL A 761 23.92 1.55 -29.35
CA VAL A 761 24.39 0.22 -29.73
C VAL A 761 23.51 -0.47 -30.77
N ASN A 762 22.32 0.09 -31.07
CA ASN A 762 21.40 -0.56 -32.01
C ASN A 762 22.09 -0.88 -33.35
N HIS A 763 22.96 0.00 -33.82
CA HIS A 763 23.46 -0.22 -35.17
C HIS A 763 24.41 -1.42 -35.30
N LEU A 764 24.47 -2.35 -34.34
CA LEU A 764 25.33 -3.51 -34.45
C LEU A 764 24.60 -4.86 -34.32
N LEU A 765 23.31 -4.86 -34.00
CA LEU A 765 22.60 -6.13 -33.85
C LEU A 765 22.40 -6.81 -35.20
N THR A 766 22.02 -8.09 -35.13
CA THR A 766 21.77 -8.87 -36.32
C THR A 766 20.47 -8.43 -37.00
N HIS A 767 20.39 -8.70 -38.30
CA HIS A 767 19.21 -8.40 -39.08
C HIS A 767 18.17 -9.51 -39.05
N HIS A 768 18.49 -10.67 -38.48
CA HIS A 768 17.56 -11.78 -38.41
C HIS A 768 16.38 -11.42 -37.50
N GLU A 769 15.23 -12.01 -37.79
CA GLU A 769 14.01 -11.78 -37.02
C GLU A 769 13.48 -13.12 -36.52
N TYR A 770 12.96 -13.12 -35.30
CA TYR A 770 12.51 -14.34 -34.64
C TYR A 770 11.02 -14.28 -34.37
N ASP A 771 10.39 -15.45 -34.40
CA ASP A 771 8.95 -15.55 -34.17
C ASP A 771 8.61 -15.27 -32.70
N TYR A 772 7.33 -14.98 -32.45
CA TYR A 772 6.88 -14.66 -31.09
C TYR A 772 6.86 -15.88 -30.17
N GLU A 773 7.02 -17.08 -30.69
CA GLU A 773 7.07 -18.28 -29.85
C GLU A 773 8.41 -18.43 -29.15
N LEU A 774 9.40 -17.61 -29.48
CA LEU A 774 10.71 -17.67 -28.85
C LEU A 774 10.73 -16.80 -27.60
N SER A 775 11.80 -16.96 -26.82
CA SER A 775 11.95 -16.17 -25.60
C SER A 775 12.11 -14.69 -25.92
N ARG A 776 11.42 -13.86 -25.15
CA ARG A 776 11.38 -12.43 -25.44
C ARG A 776 11.03 -11.67 -24.17
N GLY A 777 11.74 -10.57 -23.93
CA GLY A 777 11.39 -9.65 -22.87
C GLY A 777 10.68 -8.44 -23.43
N TYR A 778 9.97 -7.68 -22.59
CA TYR A 778 9.12 -6.62 -23.10
C TYR A 778 8.74 -5.68 -21.96
N ILE A 779 8.93 -4.38 -22.18
CA ILE A 779 8.69 -3.36 -21.16
C ILE A 779 7.71 -2.32 -21.71
N ASP A 780 6.67 -2.03 -20.93
CA ASP A 780 5.67 -1.03 -21.29
C ASP A 780 5.88 0.25 -20.48
N GLU A 781 5.91 1.38 -21.16
CA GLU A 781 5.96 2.69 -20.54
C GLU A 781 4.64 3.40 -20.79
N LYS A 782 3.97 3.82 -19.72
CA LYS A 782 2.72 4.56 -19.80
C LYS A 782 2.91 5.86 -19.04
N ILE A 783 3.44 6.87 -19.73
CA ILE A 783 3.72 8.17 -19.14
C ILE A 783 2.55 9.10 -19.42
N LEU A 784 2.06 9.77 -18.38
CA LEU A 784 0.90 10.65 -18.47
C LEU A 784 1.26 11.98 -17.83
N GLU A 785 1.50 13.00 -18.65
CA GLU A 785 1.86 14.31 -18.13
C GLU A 785 0.72 14.92 -17.31
N ASN A 786 -0.51 14.78 -17.78
CA ASN A 786 -1.65 15.35 -17.07
C ASN A 786 -1.82 14.69 -15.70
N GLN A 787 -1.68 13.37 -15.64
CA GLN A 787 -1.83 12.65 -14.37
C GLN A 787 -0.54 12.61 -13.56
N ASN A 788 0.60 12.86 -14.18
CA ASN A 788 1.91 12.82 -13.51
C ASN A 788 2.18 11.46 -12.86
N ILE A 789 1.69 10.39 -13.48
CA ILE A 789 1.87 9.03 -12.99
C ILE A 789 2.40 8.17 -14.14
N ILE A 790 3.44 7.39 -13.87
CA ILE A 790 4.02 6.47 -14.84
C ILE A 790 3.79 5.04 -14.37
N THR A 791 3.23 4.21 -15.24
CA THR A 791 2.96 2.81 -14.96
C THR A 791 3.82 1.94 -15.85
N HIS A 792 4.52 0.98 -15.26
CA HIS A 792 5.41 0.10 -16.00
C HIS A 792 4.84 -1.31 -16.07
N MET A 793 5.45 -2.12 -16.93
CA MET A 793 5.00 -3.49 -17.14
C MET A 793 6.18 -4.26 -17.72
N ILE A 794 6.79 -5.13 -16.93
CA ILE A 794 7.92 -5.94 -17.36
C ILE A 794 7.43 -7.38 -17.49
N LEU A 795 7.68 -7.97 -18.66
CA LEU A 795 7.20 -9.32 -18.96
C LEU A 795 8.33 -10.11 -19.61
N ASN A 796 8.82 -11.11 -18.89
CA ASN A 796 9.84 -12.02 -19.40
C ASN A 796 9.28 -13.43 -19.42
N TYR A 797 9.41 -14.11 -20.55
CA TYR A 797 9.06 -15.52 -20.62
C TYR A 797 10.12 -16.27 -21.40
N VAL A 798 10.34 -17.52 -21.00
CA VAL A 798 11.36 -18.37 -21.60
C VAL A 798 10.65 -19.45 -22.41
N GLY A 799 10.92 -19.48 -23.71
CA GLY A 799 10.25 -20.42 -24.59
C GLY A 799 10.73 -21.83 -24.40
N SER A 800 10.02 -22.75 -25.06
CA SER A 800 10.32 -24.18 -24.99
C SER A 800 10.44 -24.75 -26.39
N GLU A 801 11.18 -25.84 -26.49
CA GLU A 801 11.40 -26.50 -27.78
C GLU A 801 10.34 -27.55 -28.11
N ASP A 802 9.46 -27.87 -27.17
CA ASP A 802 8.47 -28.93 -27.38
C ASP A 802 7.04 -28.41 -27.52
N SER A 803 6.66 -27.40 -26.76
CA SER A 803 5.31 -26.85 -26.80
C SER A 803 5.37 -25.34 -26.97
N VAL A 804 4.27 -24.79 -27.49
CA VAL A 804 4.19 -23.35 -27.69
C VAL A 804 4.18 -22.62 -26.36
N ILE A 805 3.55 -23.21 -25.36
CA ILE A 805 3.45 -22.56 -24.05
C ILE A 805 4.84 -22.46 -23.42
N PRO A 806 5.30 -21.26 -23.04
CA PRO A 806 6.63 -21.15 -22.43
C PRO A 806 6.67 -21.77 -21.05
N ARG A 807 7.86 -22.24 -20.68
CA ARG A 807 8.05 -22.90 -19.39
C ARG A 807 7.96 -21.91 -18.24
N ILE A 808 8.67 -20.79 -18.34
CA ILE A 808 8.87 -19.87 -17.23
C ILE A 808 8.27 -18.51 -17.59
N LEU A 809 7.61 -17.88 -16.62
CA LEU A 809 6.97 -16.58 -16.82
C LEU A 809 7.36 -15.65 -15.69
N TYR A 810 7.86 -14.46 -16.06
CA TYR A 810 8.14 -13.39 -15.12
C TYR A 810 7.20 -12.22 -15.41
N LEU A 811 6.64 -11.65 -14.35
CA LEU A 811 5.71 -10.55 -14.53
C LEU A 811 5.83 -9.58 -13.35
N THR A 812 5.84 -8.29 -13.65
CA THR A 812 6.00 -7.27 -12.63
C THR A 812 5.25 -6.01 -13.03
N TRP A 813 4.55 -5.41 -12.06
CA TRP A 813 3.82 -4.17 -12.28
C TRP A 813 4.30 -3.14 -11.26
N TYR A 814 4.75 -1.99 -11.75
CA TYR A 814 5.08 -0.86 -10.88
C TYR A 814 3.98 0.19 -10.95
N SER A 815 4.10 1.19 -10.07
CA SER A 815 3.21 2.35 -10.11
C SER A 815 3.97 3.50 -9.44
N SER A 816 4.52 4.39 -10.25
CA SER A 816 5.34 5.50 -9.75
C SER A 816 4.65 6.81 -10.03
N ASN A 817 4.46 7.61 -8.97
CA ASN A 817 3.94 8.97 -9.08
C ASN A 817 4.86 9.89 -8.31
N GLY A 818 5.54 10.79 -9.01
CA GLY A 818 6.55 11.61 -8.38
C GLY A 818 7.77 10.80 -8.01
N ASP A 819 8.02 10.65 -6.71
CA ASP A 819 9.15 9.88 -6.22
C ASP A 819 8.75 8.66 -5.41
N ILE A 820 7.58 8.65 -4.79
CA ILE A 820 7.14 7.54 -3.97
C ILE A 820 6.47 6.49 -4.85
N LYS A 821 6.77 5.22 -4.58
CA LYS A 821 6.18 4.11 -5.31
C LYS A 821 5.56 3.11 -4.34
N VAL A 822 4.37 2.62 -4.70
CA VAL A 822 3.68 1.59 -3.95
C VAL A 822 4.43 0.29 -4.18
N PRO A 823 4.45 -0.66 -3.23
CA PRO A 823 5.15 -1.92 -3.48
C PRO A 823 4.58 -2.63 -4.70
N SER A 824 5.49 -3.25 -5.45
CA SER A 824 5.13 -3.84 -6.73
C SER A 824 4.52 -5.22 -6.54
N THR A 825 3.82 -5.67 -7.57
CA THR A 825 3.22 -6.99 -7.62
C THR A 825 3.96 -7.82 -8.66
N LYS A 826 4.53 -8.95 -8.23
CA LYS A 826 5.29 -9.80 -9.13
C LYS A 826 4.82 -11.24 -9.02
N VAL A 827 4.71 -11.90 -10.17
CA VAL A 827 4.21 -13.27 -10.26
C VAL A 827 5.26 -14.10 -10.99
N LEU A 828 5.52 -15.29 -10.45
CA LEU A 828 6.49 -16.22 -11.03
C LEU A 828 5.82 -17.57 -11.20
N ALA A 829 5.91 -18.14 -12.40
CA ALA A 829 5.35 -19.44 -12.71
C ALA A 829 6.37 -20.27 -13.46
N MET A 830 6.53 -21.53 -13.06
CA MET A 830 7.53 -22.41 -13.65
C MET A 830 6.98 -23.82 -13.78
N ILE A 831 7.58 -24.58 -14.70
CA ILE A 831 7.23 -25.99 -14.90
C ILE A 831 8.37 -26.63 -15.67
N SER A 832 8.69 -27.87 -15.30
CA SER A 832 9.85 -28.54 -15.89
C SER A 832 9.57 -29.00 -17.32
N SER A 833 8.39 -29.56 -17.58
CA SER A 833 8.06 -30.05 -18.91
C SER A 833 6.57 -29.90 -19.13
N VAL A 834 6.19 -29.14 -20.17
CA VAL A 834 4.78 -28.96 -20.48
C VAL A 834 4.18 -30.26 -21.01
N LYS A 835 4.95 -31.02 -21.79
CA LYS A 835 4.46 -32.31 -22.28
C LYS A 835 4.20 -33.27 -21.13
N SER A 836 5.06 -33.26 -20.11
CA SER A 836 4.83 -34.10 -18.94
C SER A 836 3.54 -33.71 -18.22
N PHE A 837 3.30 -32.40 -18.06
CA PHE A 837 2.07 -31.95 -17.41
C PHE A 837 0.85 -32.36 -18.22
N MET A 838 0.91 -32.21 -19.54
CA MET A 838 -0.20 -32.62 -20.38
C MET A 838 -0.46 -34.12 -20.30
N GLU A 839 0.62 -34.92 -20.31
CA GLU A 839 0.45 -36.37 -20.22
C GLU A 839 -0.15 -36.76 -18.88
N LEU A 840 0.27 -36.13 -17.78
CA LEU A 840 -0.31 -36.43 -16.48
C LEU A 840 -1.77 -36.01 -16.43
N SER A 841 -2.11 -34.87 -17.01
CA SER A 841 -3.50 -34.42 -17.01
C SER A 841 -4.39 -35.37 -17.80
N LEU A 842 -3.92 -35.82 -18.97
CA LEU A 842 -4.71 -36.74 -19.77
C LEU A 842 -4.80 -38.12 -19.11
N ARG A 843 -3.73 -38.56 -18.45
CA ARG A 843 -3.75 -39.86 -17.80
C ARG A 843 -4.71 -39.88 -16.62
N SER A 844 -4.86 -38.77 -15.91
CA SER A 844 -5.77 -38.72 -14.76
C SER A 844 -7.20 -38.93 -15.20
N VAL A 845 -7.60 -38.33 -16.31
CA VAL A 845 -8.96 -38.47 -16.82
C VAL A 845 -9.19 -39.87 -17.36
N LEU A 869 14.27 -39.80 -16.04
CA LEU A 869 14.46 -38.53 -16.75
C LEU A 869 14.31 -37.35 -15.80
N VAL A 870 13.95 -36.20 -16.36
CA VAL A 870 13.77 -34.99 -15.55
C VAL A 870 12.46 -35.09 -14.78
N PRO A 871 12.49 -34.99 -13.46
CA PRO A 871 11.27 -35.14 -12.66
C PRO A 871 10.30 -33.99 -12.90
N LEU A 872 9.03 -34.27 -12.67
CA LEU A 872 8.00 -33.25 -12.77
C LEU A 872 8.14 -32.30 -11.60
N GLU A 873 8.32 -31.01 -11.90
CA GLU A 873 8.58 -30.00 -10.89
C GLU A 873 7.90 -28.71 -11.32
N GLY A 874 7.46 -27.93 -10.35
CA GLY A 874 6.86 -26.65 -10.67
C GLY A 874 6.56 -25.88 -9.39
N ASN A 875 6.39 -24.58 -9.56
CA ASN A 875 6.05 -23.73 -8.44
C ASN A 875 5.33 -22.50 -8.94
N LEU A 876 4.64 -21.83 -8.02
CA LEU A 876 3.97 -20.58 -8.31
C LEU A 876 4.24 -19.62 -7.16
N MET A 877 4.50 -18.36 -7.49
CA MET A 877 4.79 -17.33 -6.50
C MET A 877 3.99 -16.09 -6.78
N ILE A 878 3.34 -15.56 -5.74
CA ILE A 878 2.66 -14.28 -5.80
C ILE A 878 3.20 -13.43 -4.67
N ASN A 879 3.82 -12.30 -5.01
CA ASN A 879 4.43 -11.40 -4.04
C ASN A 879 3.86 -10.01 -4.26
N ASN A 880 2.85 -9.64 -3.48
CA ASN A 880 2.24 -8.32 -3.60
C ASN A 880 2.22 -7.62 -2.25
N LYS A 881 1.50 -6.50 -2.17
CA LYS A 881 1.51 -5.67 -0.98
C LYS A 881 0.91 -6.36 0.24
N TYR A 882 0.15 -7.44 0.05
CA TYR A 882 -0.60 -8.03 1.16
C TYR A 882 0.07 -9.25 1.75
N ALA A 883 0.66 -10.12 0.93
CA ALA A 883 1.25 -11.35 1.44
C ALA A 883 2.24 -11.91 0.44
N LEU A 884 3.07 -12.84 0.91
CA LEU A 884 4.03 -13.55 0.07
C LEU A 884 3.70 -15.04 0.15
N LYS A 885 3.41 -15.65 -1.00
CA LYS A 885 3.01 -17.04 -1.08
C LYS A 885 3.88 -17.80 -2.06
N PHE A 886 4.05 -19.09 -1.80
CA PHE A 886 4.90 -19.94 -2.61
C PHE A 886 4.37 -21.36 -2.54
N PHE A 887 3.94 -21.90 -3.67
CA PHE A 887 3.39 -23.26 -3.75
C PHE A 887 4.29 -24.12 -4.64
N PRO A 888 5.25 -24.84 -4.06
CA PRO A 888 6.02 -25.80 -4.86
C PRO A 888 5.39 -27.19 -4.83
N PHE A 889 5.46 -27.87 -5.97
CA PHE A 889 4.79 -29.16 -6.08
C PHE A 889 5.64 -30.14 -6.89
N ASP A 890 5.35 -31.42 -6.68
CA ASP A 890 6.03 -32.54 -7.31
C ASP A 890 4.95 -33.47 -7.84
N LYS A 891 5.36 -34.62 -8.39
CA LYS A 891 4.38 -35.56 -8.93
C LYS A 891 3.50 -36.18 -7.84
N HIS A 892 3.99 -36.22 -6.60
CA HIS A 892 3.18 -36.78 -5.51
C HIS A 892 1.93 -35.97 -5.27
N ILE A 893 2.05 -34.63 -5.26
CA ILE A 893 0.87 -33.79 -5.05
C ILE A 893 -0.09 -33.91 -6.22
N LEU A 894 0.45 -34.02 -7.44
CA LEU A 894 -0.41 -34.16 -8.62
C LEU A 894 -1.18 -35.48 -8.57
N ASP A 895 -0.55 -36.55 -8.09
CA ASP A 895 -1.26 -37.82 -7.96
C ASP A 895 -2.22 -37.81 -6.77
N LYS A 896 -1.93 -37.01 -5.75
CA LYS A 896 -2.81 -36.92 -4.60
C LYS A 896 -4.03 -36.05 -4.86
N LEU A 897 -3.95 -35.15 -5.82
CA LEU A 897 -5.08 -34.25 -6.10
C LEU A 897 -6.37 -34.99 -6.43
N PRO A 898 -6.39 -36.00 -7.31
CA PRO A 898 -7.66 -36.71 -7.56
C PRO A 898 -8.23 -37.38 -6.32
N THR A 899 -7.38 -37.89 -5.43
CA THR A 899 -7.88 -38.48 -4.19
C THR A 899 -8.58 -37.43 -3.32
N LEU A 900 -8.01 -36.23 -3.25
CA LEU A 900 -8.66 -35.15 -2.51
C LEU A 900 -9.98 -34.75 -3.16
N ILE A 901 -10.02 -34.70 -4.50
CA ILE A 901 -11.25 -34.35 -5.19
C ILE A 901 -12.34 -35.38 -4.91
N SER A 902 -11.98 -36.66 -5.00
CA SER A 902 -12.94 -37.72 -4.72
C SER A 902 -13.42 -37.68 -3.28
N ASN A 903 -12.51 -37.41 -2.35
CA ASN A 903 -12.90 -37.31 -0.95
C ASN A 903 -13.87 -36.16 -0.73
N TYR A 904 -13.61 -35.01 -1.35
CA TYR A 904 -14.53 -33.89 -1.23
C TYR A 904 -15.90 -34.22 -1.80
N ILE A 905 -15.93 -34.88 -2.96
CA ILE A 905 -17.20 -35.23 -3.60
C ILE A 905 -17.98 -36.18 -2.71
N GLU A 906 -17.30 -37.21 -2.17
CA GLU A 906 -17.98 -38.16 -1.29
C GLU A 906 -18.34 -37.56 0.05
N ALA A 907 -17.68 -36.48 0.46
CA ALA A 907 -17.99 -35.85 1.74
C ALA A 907 -19.10 -34.83 1.65
N VAL A 908 -19.37 -34.27 0.47
CA VAL A 908 -20.46 -33.32 0.31
C VAL A 908 -21.74 -34.02 -0.15
N LYS A 909 -21.82 -35.33 -0.01
CA LYS A 909 -22.99 -36.07 -0.48
C LYS A 909 -24.22 -35.73 0.37
N GLU A 910 -24.09 -35.78 1.69
CA GLU A 910 -25.21 -35.48 2.57
C GLU A 910 -25.51 -33.98 2.62
N GLY A 911 -24.48 -33.15 2.49
CA GLY A 911 -24.66 -31.71 2.58
C GLY A 911 -23.65 -31.07 3.52
N LYS A 912 -23.03 -29.98 3.08
CA LYS A 912 -22.00 -29.31 3.84
C LYS A 912 -22.28 -27.81 3.90
N PHE A 913 -21.91 -27.20 5.02
CA PHE A 913 -21.98 -25.75 5.20
C PHE A 913 -20.57 -25.20 5.27
N MET A 914 -20.34 -24.09 4.57
CA MET A 914 -19.03 -23.46 4.52
C MET A 914 -19.13 -22.00 4.92
N ASN A 915 -18.07 -21.51 5.57
CA ASN A 915 -17.97 -20.12 6.02
C ASN A 915 -16.51 -19.70 5.91
N VAL A 916 -16.16 -19.03 4.81
CA VAL A 916 -14.80 -18.60 4.55
C VAL A 916 -14.77 -17.09 4.50
N ASN A 917 -13.95 -16.49 5.36
CA ASN A 917 -13.76 -15.05 5.43
C ASN A 917 -12.28 -14.73 5.33
N MET A 918 -11.97 -13.58 4.72
CA MET A 918 -10.59 -13.16 4.55
C MET A 918 -10.52 -11.64 4.66
N LEU A 919 -9.55 -11.16 5.45
CA LEU A 919 -9.34 -9.73 5.65
C LEU A 919 -7.87 -9.39 5.48
N ASP A 920 -7.60 -8.31 4.76
CA ASP A 920 -6.25 -7.83 4.50
C ASP A 920 -6.20 -6.32 4.63
N THR A 921 -5.07 -5.79 5.09
CA THR A 921 -4.88 -4.36 5.24
C THR A 921 -3.52 -3.94 4.69
N TYR A 922 -3.38 -2.63 4.46
CA TYR A 922 -2.14 -1.99 4.05
C TYR A 922 -1.99 -0.67 4.80
N GLU A 923 -0.78 -0.38 5.25
CA GLU A 923 -0.53 0.74 6.15
C GLU A 923 0.61 1.60 5.65
N SER A 924 0.54 2.90 5.95
CA SER A 924 1.67 3.79 5.74
C SER A 924 1.45 5.04 6.58
N VAL A 925 2.31 5.25 7.57
CA VAL A 925 2.20 6.38 8.50
C VAL A 925 3.47 7.23 8.41
N HIS A 926 3.30 8.54 8.53
CA HIS A 926 4.41 9.48 8.57
C HIS A 926 4.05 10.61 9.53
N SER A 927 4.88 10.85 10.53
CA SER A 927 4.58 11.85 11.54
C SER A 927 5.84 12.61 11.95
N PHE A 928 5.70 13.90 12.18
CA PHE A 928 6.79 14.74 12.67
C PHE A 928 6.19 16.00 13.30
N PRO A 929 6.94 16.69 14.15
CA PRO A 929 6.41 17.91 14.77
C PRO A 929 6.32 19.07 13.78
N THR A 930 5.42 19.98 14.07
CA THR A 930 5.26 21.20 13.29
C THR A 930 6.14 22.30 13.89
N GLU A 931 5.98 23.52 13.42
CA GLU A 931 6.70 24.66 13.96
C GLU A 931 5.96 25.33 15.12
N THR A 932 4.81 24.78 15.51
CA THR A 932 4.09 25.23 16.69
C THR A 932 4.31 24.33 17.89
N GLY A 933 4.81 23.13 17.67
CA GLY A 933 5.06 22.19 18.75
C GLY A 933 4.05 21.09 18.90
N LEU A 934 3.36 20.72 17.82
CA LEU A 934 2.30 19.73 17.87
C LEU A 934 2.56 18.65 16.82
N PRO A 935 2.13 17.42 17.07
CA PRO A 935 2.37 16.35 16.09
C PRO A 935 1.56 16.53 14.81
N PHE A 936 2.14 16.05 13.71
CA PHE A 936 1.51 16.07 12.40
C PHE A 936 1.47 14.63 11.90
N VAL A 937 0.30 14.18 11.46
CA VAL A 937 0.07 12.77 11.16
C VAL A 937 -0.50 12.64 9.75
N TYR A 938 0.08 11.74 8.96
CA TYR A 938 -0.44 11.37 7.64
C TYR A 938 -0.62 9.86 7.59
N THR A 939 -1.79 9.41 7.10
CA THR A 939 -2.11 8.00 7.06
C THR A 939 -2.75 7.63 5.73
N PHE A 940 -2.42 6.43 5.25
CA PHE A 940 -2.99 5.88 4.03
C PHE A 940 -3.33 4.42 4.29
N ASN A 941 -4.61 4.07 4.14
CA ASN A 941 -5.10 2.75 4.52
C ASN A 941 -5.89 2.11 3.38
N VAL A 942 -5.74 0.79 3.23
CA VAL A 942 -6.56 -0.01 2.33
C VAL A 942 -6.99 -1.27 3.09
N ILE A 943 -8.29 -1.60 3.03
CA ILE A 943 -8.83 -2.77 3.69
C ILE A 943 -9.64 -3.57 2.66
N LYS A 944 -9.42 -4.88 2.59
CA LYS A 944 -10.08 -5.75 1.64
C LYS A 944 -10.84 -6.85 2.38
N LEU A 945 -11.73 -7.51 1.65
CA LEU A 945 -12.54 -8.59 2.21
C LEU A 945 -12.99 -9.52 1.08
N THR A 946 -13.01 -10.82 1.37
CA THR A 946 -13.46 -11.83 0.41
C THR A 946 -14.21 -12.90 1.19
N LYS A 947 -15.54 -12.86 1.14
CA LYS A 947 -16.38 -13.76 1.90
C LYS A 947 -17.16 -14.67 0.97
N THR A 948 -17.11 -15.98 1.23
CA THR A 948 -17.83 -16.98 0.44
C THR A 948 -18.55 -17.89 1.41
N SER A 949 -19.87 -17.77 1.48
CA SER A 949 -20.68 -18.50 2.45
C SER A 949 -21.89 -19.12 1.77
N GLY A 950 -22.37 -20.19 2.36
CA GLY A 950 -23.55 -20.87 1.85
C GLY A 950 -23.42 -22.37 1.99
N THR A 951 -24.54 -23.05 1.76
CA THR A 951 -24.60 -24.50 1.82
C THR A 951 -24.33 -25.11 0.45
N VAL A 952 -23.58 -26.20 0.43
CA VAL A 952 -23.24 -26.90 -0.79
C VAL A 952 -23.46 -28.39 -0.57
N GLN A 953 -24.29 -29.00 -1.40
CA GLN A 953 -24.46 -30.44 -1.39
C GLN A 953 -24.38 -30.96 -2.82
N ALA A 954 -23.81 -32.14 -2.98
CA ALA A 954 -23.58 -32.69 -4.32
C ALA A 954 -24.08 -34.13 -4.40
N GLN A 955 -23.75 -34.80 -5.50
CA GLN A 955 -24.08 -36.19 -5.71
C GLN A 955 -23.33 -36.69 -6.93
N ILE A 956 -22.85 -37.93 -6.87
CA ILE A 956 -22.22 -38.58 -8.00
C ILE A 956 -22.88 -39.95 -8.17
N ASN A 957 -22.98 -40.40 -9.41
CA ASN A 957 -23.70 -41.61 -9.76
C ASN A 957 -22.88 -42.46 -10.70
N PRO A 958 -23.16 -43.77 -10.77
CA PRO A 958 -22.47 -44.60 -11.76
C PRO A 958 -22.68 -44.15 -13.19
N ASP A 959 -23.80 -43.46 -13.46
CA ASP A 959 -24.04 -42.86 -14.77
C ASP A 959 -23.25 -41.57 -14.98
N PHE A 960 -22.30 -41.26 -14.09
CA PHE A 960 -21.44 -40.08 -14.20
C PHE A 960 -22.27 -38.80 -14.21
N ALA A 961 -23.33 -38.77 -13.43
CA ALA A 961 -24.17 -37.58 -13.28
C ALA A 961 -23.67 -36.80 -12.06
N PHE A 962 -22.94 -35.73 -12.30
CA PHE A 962 -22.39 -34.91 -11.22
C PHE A 962 -23.43 -33.88 -10.81
N ILE A 963 -24.54 -34.39 -10.28
CA ILE A 963 -25.67 -33.55 -9.92
C ILE A 963 -25.34 -32.77 -8.64
N VAL A 964 -25.52 -31.45 -8.70
CA VAL A 964 -25.18 -30.56 -7.60
C VAL A 964 -26.33 -29.58 -7.41
N ASN A 965 -26.62 -29.25 -6.16
CA ASN A 965 -27.59 -28.21 -5.80
C ASN A 965 -26.89 -27.26 -4.83
N SER A 966 -26.21 -26.25 -5.39
CA SER A 966 -25.45 -25.29 -4.61
C SER A 966 -26.32 -24.12 -4.20
N ASN A 967 -25.91 -23.43 -3.14
CA ASN A 967 -26.64 -22.28 -2.62
C ASN A 967 -25.62 -21.40 -1.89
N LEU A 968 -25.18 -20.33 -2.56
CA LEU A 968 -24.02 -19.57 -2.13
C LEU A 968 -24.33 -18.10 -1.95
N ARG A 969 -23.44 -17.42 -1.22
CA ARG A 969 -23.35 -15.97 -1.18
C ARG A 969 -21.93 -15.56 -1.51
N LEU A 970 -21.78 -14.44 -2.19
CA LEU A 970 -20.47 -13.93 -2.57
C LEU A 970 -20.40 -12.43 -2.32
N THR A 971 -19.29 -11.99 -1.72
CA THR A 971 -19.11 -10.60 -1.35
C THR A 971 -17.68 -10.17 -1.64
N PHE A 972 -17.53 -8.87 -1.91
CA PHE A 972 -16.22 -8.26 -2.04
C PHE A 972 -16.35 -6.78 -1.71
N SER A 973 -15.49 -6.29 -0.81
CA SER A 973 -15.52 -4.89 -0.42
C SER A 973 -14.09 -4.37 -0.36
N LYS A 974 -13.96 -3.05 -0.50
CA LYS A 974 -12.67 -2.39 -0.44
C LYS A 974 -12.85 -0.96 0.04
N ASN A 975 -12.05 -0.57 1.03
CA ASN A 975 -12.10 0.76 1.61
C ASN A 975 -10.72 1.39 1.54
N VAL A 976 -10.66 2.63 1.04
CA VAL A 976 -9.40 3.36 0.93
C VAL A 976 -9.55 4.69 1.66
N GLN A 977 -8.65 4.95 2.60
CA GLN A 977 -8.68 6.14 3.43
C GLN A 977 -7.35 6.86 3.33
N GLY A 978 -7.40 8.18 3.10
CA GLY A 978 -6.21 9.00 3.12
C GLY A 978 -6.45 10.27 3.92
N ARG A 979 -5.70 10.47 4.99
CA ARG A 979 -5.99 11.53 5.95
C ARG A 979 -4.72 12.29 6.31
N VAL A 980 -4.87 13.61 6.49
CA VAL A 980 -3.79 14.49 6.93
C VAL A 980 -4.33 15.39 8.02
N GLY A 981 -3.53 15.64 9.04
CA GLY A 981 -3.98 16.45 10.16
C GLY A 981 -2.96 16.49 11.27
N PHE A 982 -3.41 16.99 12.43
CA PHE A 982 -2.53 17.17 13.57
C PHE A 982 -3.32 16.95 14.85
N VAL A 983 -2.58 16.69 15.94
CA VAL A 983 -3.15 16.31 17.22
C VAL A 983 -2.80 17.38 18.26
N THR A 984 -3.76 17.68 19.13
CA THR A 984 -3.54 18.56 20.28
C THR A 984 -3.62 17.73 21.55
N PRO A 985 -2.49 17.42 22.18
CA PRO A 985 -2.52 16.53 23.36
C PRO A 985 -3.30 17.06 24.54
N PHE A 986 -3.42 18.39 24.70
CA PHE A 986 -4.04 18.92 25.90
C PHE A 986 -5.56 18.79 25.91
N GLU A 987 -6.17 18.34 24.82
CA GLU A 987 -7.62 18.13 24.82
C GLU A 987 -8.02 16.85 24.10
N HIS A 988 -7.08 15.96 23.80
CA HIS A 988 -7.29 14.70 23.08
C HIS A 988 -8.23 14.90 21.89
N ARG A 989 -7.78 15.72 20.94
CA ARG A 989 -8.53 16.00 19.73
C ARG A 989 -7.65 15.76 18.51
N HIS A 990 -8.31 15.47 17.39
CA HIS A 990 -7.63 15.15 16.14
C HIS A 990 -8.39 15.80 15.00
N PHE A 991 -7.70 16.66 14.25
CA PHE A 991 -8.28 17.39 13.15
C PHE A 991 -7.82 16.77 11.84
N ILE A 992 -8.78 16.42 10.97
CA ILE A 992 -8.51 15.62 9.78
C ILE A 992 -9.16 16.26 8.56
N SER A 993 -8.41 16.28 7.45
CA SER A 993 -8.95 16.53 6.11
C SER A 993 -8.53 15.37 5.22
N GLY A 994 -9.48 14.79 4.49
CA GLY A 994 -9.14 13.65 3.67
C GLY A 994 -10.28 13.25 2.76
N ILE A 995 -10.05 12.17 2.02
CA ILE A 995 -11.03 11.61 1.09
C ILE A 995 -11.12 10.11 1.34
N ASP A 996 -12.34 9.59 1.44
CA ASP A 996 -12.60 8.18 1.65
C ASP A 996 -13.40 7.61 0.49
N SER A 997 -13.15 6.35 0.16
CA SER A 997 -13.81 5.69 -0.95
C SER A 997 -14.27 4.29 -0.54
N ASN A 998 -15.26 3.78 -1.25
CA ASN A 998 -15.84 2.47 -0.99
C ASN A 998 -16.16 1.77 -2.29
N LEU A 999 -16.21 0.44 -2.23
CA LEU A 999 -16.55 -0.40 -3.37
C LEU A 999 -17.10 -1.72 -2.85
N HIS A 1000 -18.22 -2.16 -3.38
CA HIS A 1000 -18.95 -3.28 -2.80
C HIS A 1000 -19.64 -4.08 -3.89
N VAL A 1001 -19.39 -5.39 -3.92
CA VAL A 1001 -20.00 -6.30 -4.88
C VAL A 1001 -20.64 -7.45 -4.13
N TYR A 1002 -21.92 -7.71 -4.42
CA TYR A 1002 -22.69 -8.77 -3.78
C TYR A 1002 -23.32 -9.64 -4.85
N ALA A 1003 -23.18 -10.95 -4.72
CA ALA A 1003 -23.64 -11.90 -5.73
C ALA A 1003 -24.51 -12.97 -5.10
N PRO A 1004 -25.74 -12.64 -4.72
CA PRO A 1004 -26.65 -13.67 -4.22
C PRO A 1004 -27.17 -14.54 -5.37
N LEU A 1005 -26.82 -15.82 -5.35
CA LEU A 1005 -27.12 -16.69 -6.48
C LEU A 1005 -27.25 -18.13 -6.01
N LYS A 1006 -27.94 -18.93 -6.83
CA LYS A 1006 -28.14 -20.35 -6.58
C LYS A 1006 -27.86 -21.12 -7.88
N ILE A 1007 -27.17 -22.25 -7.76
CA ILE A 1007 -26.63 -22.96 -8.90
C ILE A 1007 -27.07 -24.43 -8.85
N SER A 1008 -27.39 -24.99 -10.02
CA SER A 1008 -27.70 -26.41 -10.17
C SER A 1008 -26.96 -26.93 -11.39
N LEU A 1009 -25.74 -27.43 -11.19
CA LEU A 1009 -24.94 -27.96 -12.29
C LEU A 1009 -25.23 -29.45 -12.46
N ASP A 1010 -25.54 -29.85 -13.69
CA ASP A 1010 -25.94 -31.22 -14.02
C ASP A 1010 -25.06 -31.77 -15.13
N VAL A 1011 -23.74 -31.57 -15.01
CA VAL A 1011 -22.82 -32.00 -16.05
C VAL A 1011 -22.81 -33.52 -16.14
N ASN A 1012 -22.82 -34.04 -17.37
CA ASN A 1012 -22.78 -35.47 -17.62
C ASN A 1012 -21.53 -35.81 -18.42
N THR A 1013 -20.75 -36.77 -17.92
CA THR A 1013 -19.55 -37.20 -18.66
C THR A 1013 -19.88 -37.89 -19.97
N PRO A 1014 -20.78 -38.89 -20.03
CA PRO A 1014 -20.96 -39.61 -21.30
C PRO A 1014 -21.40 -38.73 -22.46
N LYS A 1015 -22.27 -37.76 -22.20
CA LYS A 1015 -22.69 -36.79 -23.20
C LYS A 1015 -22.43 -35.40 -22.64
N GLY A 1016 -21.67 -34.60 -23.39
CA GLY A 1016 -21.16 -33.35 -22.85
C GLY A 1016 -22.23 -32.29 -22.68
N ASN A 1017 -23.18 -32.54 -21.79
CA ASN A 1017 -24.24 -31.60 -21.47
C ASN A 1017 -24.04 -31.13 -20.04
N MET A 1018 -23.89 -29.83 -19.86
CA MET A 1018 -23.67 -29.22 -18.55
C MET A 1018 -24.66 -28.07 -18.39
N GLN A 1019 -25.86 -28.42 -17.93
CA GLN A 1019 -26.99 -27.49 -17.87
C GLN A 1019 -27.03 -26.86 -16.48
N TRP A 1020 -26.82 -25.55 -16.43
CA TRP A 1020 -26.86 -24.81 -15.18
C TRP A 1020 -28.25 -24.20 -14.96
N LYS A 1021 -28.44 -23.64 -13.78
CA LYS A 1021 -29.64 -22.88 -13.45
C LYS A 1021 -29.27 -21.84 -12.40
N ILE A 1022 -29.60 -20.59 -12.65
CA ILE A 1022 -29.30 -19.49 -11.74
C ILE A 1022 -30.61 -18.91 -11.24
N TRP A 1023 -30.77 -18.83 -9.92
CA TRP A 1023 -31.98 -18.33 -9.31
C TRP A 1023 -31.64 -17.26 -8.29
N PRO A 1024 -32.57 -16.36 -8.00
CA PRO A 1024 -32.50 -15.57 -6.76
C PRO A 1024 -33.16 -16.31 -5.61
N MET A 1025 -32.47 -16.31 -4.47
CA MET A 1025 -32.97 -17.07 -3.34
C MET A 1025 -34.16 -16.40 -2.68
N LYS A 1026 -34.93 -17.20 -1.94
CA LYS A 1026 -36.10 -16.69 -1.24
C LYS A 1026 -35.67 -15.75 -0.11
N GLY A 1027 -36.50 -14.74 0.13
CA GLY A 1027 -36.20 -13.76 1.16
C GLY A 1027 -35.13 -12.76 0.79
N GLU A 1028 -34.67 -12.75 -0.45
CA GLU A 1028 -33.63 -11.85 -0.91
C GLU A 1028 -34.00 -11.26 -2.27
N GLU A 1029 -35.30 -11.00 -2.44
CA GLU A 1029 -35.78 -10.47 -3.71
C GLU A 1029 -35.20 -9.09 -4.01
N LYS A 1030 -35.14 -8.23 -3.00
CA LYS A 1030 -34.60 -6.88 -3.14
C LYS A 1030 -33.30 -6.81 -2.35
N SER A 1031 -32.19 -6.58 -3.05
CA SER A 1031 -30.88 -6.55 -2.41
C SER A 1031 -29.97 -5.62 -3.19
N ARG A 1032 -28.94 -5.11 -2.50
CA ARG A 1032 -27.93 -4.27 -3.11
C ARG A 1032 -26.83 -5.13 -3.71
N LEU A 1033 -26.48 -4.85 -4.97
CA LEU A 1033 -25.48 -5.61 -5.68
C LEU A 1033 -24.22 -4.83 -6.01
N PHE A 1034 -24.24 -3.51 -5.88
CA PHE A 1034 -23.09 -2.69 -6.23
C PHE A 1034 -23.13 -1.39 -5.43
N HIS A 1035 -21.94 -0.85 -5.15
CA HIS A 1035 -21.83 0.43 -4.46
C HIS A 1035 -20.45 1.01 -4.71
N TYR A 1036 -20.39 2.32 -4.94
CA TYR A 1036 -19.13 3.01 -5.15
C TYR A 1036 -19.34 4.48 -4.82
N SER A 1037 -18.66 4.97 -3.78
CA SER A 1037 -18.76 6.36 -3.38
C SER A 1037 -17.37 6.90 -3.08
N VAL A 1038 -17.20 8.21 -3.32
CA VAL A 1038 -15.99 8.93 -2.96
C VAL A 1038 -16.43 10.18 -2.21
N VAL A 1039 -15.96 10.34 -0.97
CA VAL A 1039 -16.42 11.43 -0.12
C VAL A 1039 -15.26 12.19 0.52
N PRO A 1040 -15.05 13.45 0.16
CA PRO A 1040 -14.12 14.30 0.91
C PRO A 1040 -14.78 15.01 2.07
N PHE A 1041 -13.99 15.29 3.11
CA PHE A 1041 -14.55 15.77 4.36
C PHE A 1041 -13.50 16.50 5.18
N VAL A 1042 -13.98 17.29 6.15
CA VAL A 1042 -13.15 17.88 7.20
C VAL A 1042 -13.74 17.47 8.53
N SER A 1043 -12.88 17.01 9.45
CA SER A 1043 -13.34 16.39 10.68
C SER A 1043 -12.63 16.96 11.89
N ASN A 1044 -13.33 16.88 13.02
CA ASN A 1044 -12.85 17.35 14.32
C ASN A 1044 -13.48 16.44 15.38
N HIS A 1045 -12.74 15.43 15.80
CA HIS A 1045 -13.28 14.41 16.69
C HIS A 1045 -12.36 14.15 17.88
N ASP A 1046 -12.86 13.34 18.79
CA ASP A 1046 -12.21 13.02 20.05
C ASP A 1046 -11.63 11.62 19.99
N ILE A 1047 -10.39 11.47 20.43
CA ILE A 1047 -9.68 10.21 20.27
C ILE A 1047 -10.24 9.13 21.19
N LEU A 1048 -10.73 9.52 22.37
CA LEU A 1048 -11.24 8.53 23.32
C LEU A 1048 -12.46 7.78 22.78
N ASN A 1049 -13.19 8.39 21.85
CA ASN A 1049 -14.32 7.73 21.20
C ASN A 1049 -13.80 6.90 20.03
N LEU A 1050 -13.94 5.59 20.13
CA LEU A 1050 -13.51 4.67 19.08
C LEU A 1050 -14.72 4.33 18.22
N ARG A 1051 -15.02 5.22 17.29
CA ARG A 1051 -16.16 5.09 16.39
C ARG A 1051 -15.75 5.54 15.01
N PRO A 1052 -16.42 5.04 13.96
CA PRO A 1052 -16.17 5.55 12.62
C PRO A 1052 -16.46 7.05 12.53
N LEU A 1053 -15.67 7.74 11.72
CA LEU A 1053 -15.80 9.19 11.62
C LEU A 1053 -17.12 9.62 10.99
N SER A 1054 -17.75 8.74 10.21
CA SER A 1054 -19.02 9.09 9.58
C SER A 1054 -20.12 9.33 10.60
N MET A 1055 -19.97 8.78 11.81
CA MET A 1055 -20.94 8.94 12.87
C MET A 1055 -20.57 10.04 13.87
N GLU A 1056 -19.48 10.76 13.64
CA GLU A 1056 -19.03 11.80 14.54
C GLU A 1056 -19.66 13.14 14.15
N LYS A 1057 -20.14 13.86 15.15
CA LYS A 1057 -20.87 15.10 14.90
C LYS A 1057 -19.97 16.18 14.32
N GLY A 1058 -18.65 16.06 14.48
CA GLY A 1058 -17.75 17.07 13.95
C GLY A 1058 -17.40 16.92 12.49
N THR A 1059 -17.69 15.77 11.89
CA THR A 1059 -17.34 15.54 10.50
C THR A 1059 -18.27 16.34 9.59
N ARG A 1060 -17.73 16.81 8.47
CA ARG A 1060 -18.48 17.64 7.52
C ARG A 1060 -18.12 17.22 6.10
N PRO A 1061 -19.00 16.49 5.42
CA PRO A 1061 -18.75 16.16 4.02
C PRO A 1061 -18.93 17.36 3.10
N MET A 1062 -18.28 17.30 1.95
CA MET A 1062 -18.28 18.40 0.99
C MET A 1062 -19.34 18.12 -0.07
N ILE A 1063 -20.57 18.54 0.21
CA ILE A 1063 -21.69 18.35 -0.72
C ILE A 1063 -21.80 19.61 -1.58
N PRO A 1064 -21.63 19.52 -2.89
CA PRO A 1064 -21.76 20.71 -3.72
C PRO A 1064 -23.16 21.28 -3.69
N ASP A 1065 -23.26 22.59 -3.90
CA ASP A 1065 -24.53 23.29 -3.74
C ASP A 1065 -25.57 22.81 -4.74
N ASP A 1066 -25.14 22.45 -5.95
CA ASP A 1066 -26.05 22.05 -7.01
C ASP A 1066 -26.02 20.54 -7.26
N ASN A 1067 -25.93 19.76 -6.19
CA ASN A 1067 -26.01 18.31 -6.29
C ASN A 1067 -27.36 17.89 -6.84
N THR A 1068 -27.35 16.85 -7.67
CA THR A 1068 -28.56 16.29 -8.25
C THR A 1068 -28.54 14.77 -8.12
N SER A 1069 -29.64 14.15 -8.55
CA SER A 1069 -29.81 12.71 -8.47
C SER A 1069 -30.42 12.18 -9.76
N LEU A 1070 -30.06 10.95 -10.11
CA LEU A 1070 -30.54 10.31 -11.33
C LEU A 1070 -30.93 8.87 -11.04
N ALA A 1071 -32.04 8.44 -11.64
CA ALA A 1071 -32.51 7.05 -11.57
C ALA A 1071 -32.55 6.53 -13.01
N LEU A 1072 -31.53 5.77 -13.39
CA LEU A 1072 -31.36 5.38 -14.79
C LEU A 1072 -32.52 4.58 -15.36
N PRO A 1073 -33.05 3.56 -14.68
CA PRO A 1073 -34.18 2.80 -15.26
C PRO A 1073 -35.39 3.70 -15.47
N LYS A 1074 -35.74 3.91 -16.74
CA LYS A 1074 -36.80 4.86 -17.08
C LYS A 1074 -38.14 4.42 -16.49
N ASN A 1075 -38.46 3.14 -16.60
CA ASN A 1075 -39.69 2.61 -16.04
C ASN A 1075 -39.39 1.38 -15.18
N GLU A 1076 -40.42 0.67 -14.76
CA GLU A 1076 -40.23 -0.53 -13.95
C GLU A 1076 -39.43 -1.58 -14.72
N GLY A 1077 -38.48 -2.21 -14.04
CA GLY A 1077 -37.64 -3.20 -14.65
C GLY A 1077 -37.04 -4.14 -13.61
N PRO A 1078 -36.05 -4.93 -14.02
CA PRO A 1078 -35.42 -5.86 -13.08
C PRO A 1078 -34.35 -5.19 -12.24
N PHE A 1079 -33.74 -4.13 -12.76
CA PHE A 1079 -32.59 -3.50 -12.14
C PHE A 1079 -32.85 -2.03 -11.87
N ARG A 1080 -32.27 -1.54 -10.77
CA ARG A 1080 -32.35 -0.15 -10.38
C ARG A 1080 -30.94 0.39 -10.22
N LEU A 1081 -30.66 1.54 -10.85
CA LEU A 1081 -29.35 2.16 -10.75
C LEU A 1081 -29.52 3.64 -10.38
N ASN A 1082 -28.73 4.09 -9.40
CA ASN A 1082 -28.79 5.45 -8.91
C ASN A 1082 -27.41 6.09 -9.01
N VAL A 1083 -27.39 7.36 -9.39
CA VAL A 1083 -26.17 8.17 -9.42
C VAL A 1083 -26.45 9.45 -8.67
N GLU A 1084 -25.67 9.71 -7.61
CA GLU A 1084 -25.84 10.89 -6.78
C GLU A 1084 -24.63 11.82 -6.97
N THR A 1085 -24.09 11.85 -8.17
CA THR A 1085 -23.05 12.82 -8.47
C THR A 1085 -23.64 14.22 -8.47
N ALA A 1086 -22.76 15.21 -8.46
CA ALA A 1086 -23.16 16.57 -8.17
C ALA A 1086 -22.67 17.52 -9.25
N LYS A 1087 -23.04 18.79 -9.07
CA LYS A 1087 -22.54 19.91 -9.87
C LYS A 1087 -23.08 19.89 -11.29
N THR A 1088 -23.77 18.81 -11.67
CA THR A 1088 -24.40 18.66 -12.97
C THR A 1088 -23.44 18.90 -14.12
N ASN A 1089 -22.14 18.90 -13.83
CA ASN A 1089 -21.13 19.20 -14.83
C ASN A 1089 -19.90 18.31 -14.72
N GLU A 1090 -19.99 17.19 -14.00
CA GLU A 1090 -18.87 16.27 -13.96
C GLU A 1090 -18.58 15.66 -15.32
N GLU A 1091 -19.61 15.58 -16.17
CA GLU A 1091 -19.45 15.16 -17.57
C GLU A 1091 -18.92 13.74 -17.69
N MET A 1092 -17.72 13.49 -17.17
CA MET A 1092 -17.10 12.18 -17.31
C MET A 1092 -17.90 11.08 -16.61
N TRP A 1093 -18.78 11.45 -15.68
CA TRP A 1093 -19.61 10.46 -14.99
C TRP A 1093 -21.04 10.45 -15.50
N GLU A 1094 -21.58 11.58 -15.94
CA GLU A 1094 -22.94 11.62 -16.45
C GLU A 1094 -23.01 11.39 -17.95
N LEU A 1095 -21.88 11.11 -18.60
CA LEU A 1095 -21.86 10.70 -19.99
C LEU A 1095 -21.74 9.19 -20.15
N ILE A 1096 -20.95 8.53 -19.30
CA ILE A 1096 -20.87 7.08 -19.32
C ILE A 1096 -22.18 6.45 -18.86
N ASP A 1097 -22.99 7.17 -18.09
CA ASP A 1097 -24.29 6.71 -17.64
C ASP A 1097 -25.39 6.91 -18.67
N THR A 1098 -25.09 7.56 -19.80
CA THR A 1098 -26.13 7.87 -20.78
C THR A 1098 -26.74 6.59 -21.36
N GLU A 1099 -25.91 5.62 -21.68
CA GLU A 1099 -26.33 4.31 -22.22
C GLU A 1099 -27.13 4.45 -23.51
N LYS A 1100 -27.06 5.61 -24.16
CA LYS A 1100 -27.73 5.82 -25.44
C LYS A 1100 -26.76 6.04 -26.59
N LEU A 1101 -25.48 6.27 -26.31
CA LEU A 1101 -24.48 6.48 -27.34
C LEU A 1101 -23.70 5.18 -27.52
N THR A 1102 -23.67 4.66 -28.76
CA THR A 1102 -22.93 3.44 -29.03
C THR A 1102 -21.43 3.65 -28.86
N ASP A 1103 -20.92 4.81 -29.29
CA ASP A 1103 -19.48 5.07 -29.21
C ASP A 1103 -19.00 5.33 -27.79
N ARG A 1104 -19.90 5.49 -26.83
CA ARG A 1104 -19.49 5.75 -25.46
C ARG A 1104 -18.72 4.56 -24.90
N LEU A 1105 -17.61 4.85 -24.22
CA LEU A 1105 -16.77 3.80 -23.65
C LEU A 1105 -17.36 3.34 -22.33
N PRO A 1106 -17.67 2.04 -22.16
CA PRO A 1106 -18.22 1.57 -20.88
C PRO A 1106 -17.21 1.56 -19.74
N TYR A 1107 -15.92 1.70 -20.02
CA TYR A 1107 -14.91 1.65 -18.98
C TYR A 1107 -14.91 2.95 -18.20
N PRO A 1108 -15.12 2.92 -16.87
CA PRO A 1108 -15.10 4.13 -16.06
C PRO A 1108 -13.75 4.49 -15.44
N TRP A 1109 -12.67 3.81 -15.84
CA TRP A 1109 -11.37 4.07 -15.25
C TRP A 1109 -10.90 5.49 -15.54
N THR A 1110 -11.10 5.96 -16.77
CA THR A 1110 -10.63 7.29 -17.18
C THR A 1110 -11.66 8.32 -16.73
N MET A 1111 -11.50 8.82 -15.52
CA MET A 1111 -12.40 9.82 -14.97
C MET A 1111 -11.70 10.56 -13.85
N ASP A 1112 -12.24 11.72 -13.49
CA ASP A 1112 -11.72 12.50 -12.38
C ASP A 1112 -12.07 11.81 -11.07
N ASN A 1113 -11.06 11.36 -10.34
CA ASN A 1113 -11.24 10.55 -9.14
C ASN A 1113 -11.12 11.36 -7.86
N GLU A 1114 -11.59 12.60 -7.86
CA GLU A 1114 -11.49 13.43 -6.66
C GLU A 1114 -12.79 14.18 -6.40
N ARG A 1115 -13.92 13.63 -6.82
CA ARG A 1115 -15.20 14.32 -6.73
C ARG A 1115 -16.22 13.46 -6.01
N TYR A 1116 -17.19 14.13 -5.39
CA TYR A 1116 -18.23 13.44 -4.63
C TYR A 1116 -19.13 12.68 -5.59
N VAL A 1117 -18.99 11.35 -5.60
CA VAL A 1117 -19.83 10.47 -6.41
C VAL A 1117 -20.43 9.42 -5.50
N LYS A 1118 -21.54 8.85 -5.93
CA LYS A 1118 -22.24 7.82 -5.17
C LYS A 1118 -23.17 7.07 -6.11
N VAL A 1119 -22.91 5.78 -6.33
CA VAL A 1119 -23.68 4.97 -7.26
C VAL A 1119 -24.12 3.69 -6.56
N ASP A 1120 -25.41 3.36 -6.70
CA ASP A 1120 -25.99 2.16 -6.12
C ASP A 1120 -26.75 1.39 -7.20
N MET A 1121 -26.52 0.08 -7.27
CA MET A 1121 -27.20 -0.80 -8.22
C MET A 1121 -28.05 -1.80 -7.43
N TYR A 1122 -29.33 -1.49 -7.28
CA TYR A 1122 -30.24 -2.30 -6.48
C TYR A 1122 -30.92 -3.34 -7.38
N MET A 1123 -31.94 -4.01 -6.84
CA MET A 1123 -32.71 -5.00 -7.57
C MET A 1123 -34.08 -5.09 -6.92
N ASN A 1124 -35.14 -4.98 -7.72
CA ASN A 1124 -36.47 -4.77 -7.15
C ASN A 1124 -37.26 -6.07 -6.94
N LEU A 1125 -37.58 -6.79 -8.02
CA LEU A 1125 -38.37 -8.00 -7.90
C LEU A 1125 -37.88 -9.06 -8.87
N GLU A 1126 -36.56 -9.23 -8.96
CA GLU A 1126 -36.04 -10.33 -9.76
C GLU A 1126 -36.15 -11.66 -9.03
N GLY A 1127 -36.39 -11.64 -7.72
CA GLY A 1127 -36.59 -12.84 -6.96
C GLY A 1127 -37.96 -13.43 -7.19
N GLU A 1128 -38.21 -14.55 -6.50
CA GLU A 1128 -39.41 -15.35 -6.71
C GLU A 1128 -39.54 -15.77 -8.17
N GLN A 1129 -38.40 -15.96 -8.83
CA GLN A 1129 -38.36 -16.26 -10.27
C GLN A 1129 -38.38 -17.78 -10.44
N LYS A 1130 -39.55 -18.31 -10.77
CA LYS A 1130 -39.65 -19.75 -11.04
C LYS A 1130 -38.82 -20.12 -12.27
N ASP A 1131 -38.86 -19.29 -13.29
CA ASP A 1131 -38.13 -19.57 -14.53
C ASP A 1131 -36.64 -19.32 -14.32
N PRO A 1132 -35.78 -20.27 -14.64
CA PRO A 1132 -34.34 -20.07 -14.46
C PRO A 1132 -33.66 -19.47 -15.68
N VAL A 1133 -32.46 -18.93 -15.43
CA VAL A 1133 -31.58 -18.45 -16.48
C VAL A 1133 -30.77 -19.62 -17.01
N ILE A 1134 -31.31 -20.32 -18.01
CA ILE A 1134 -30.66 -21.50 -18.56
C ILE A 1134 -29.30 -21.12 -19.13
N PHE A 1135 -28.28 -21.90 -18.77
CA PHE A 1135 -26.96 -21.81 -19.38
C PHE A 1135 -26.59 -23.23 -19.76
N SER A 1136 -27.08 -23.68 -20.91
CA SER A 1136 -26.86 -25.05 -21.37
C SER A 1136 -25.72 -25.08 -22.37
N THR A 1137 -24.81 -26.03 -22.20
CA THR A 1137 -23.66 -26.20 -23.07
C THR A 1137 -23.60 -27.63 -23.54
N SER A 1138 -23.48 -27.82 -24.85
CA SER A 1138 -23.37 -29.13 -25.46
C SER A 1138 -21.92 -29.41 -25.82
N PHE A 1139 -21.68 -30.52 -26.51
CA PHE A 1139 -20.34 -30.89 -26.92
C PHE A 1139 -20.44 -31.83 -28.13
N ASP A 1140 -19.31 -32.05 -28.78
CA ASP A 1140 -19.23 -32.85 -29.99
C ASP A 1140 -18.12 -33.88 -29.87
N SER A 1141 -18.28 -34.99 -30.60
CA SER A 1141 -17.28 -36.06 -30.59
C SER A 1141 -16.02 -35.70 -31.36
N LYS A 1142 -16.01 -34.60 -32.10
CA LYS A 1142 -14.83 -34.12 -32.83
C LYS A 1142 -14.38 -35.14 -33.87
N VAL A 1143 -15.30 -35.54 -34.75
CA VAL A 1143 -14.97 -36.47 -35.82
C VAL A 1143 -14.42 -35.72 -37.03
N MET A 1144 -13.77 -36.46 -37.93
CA MET A 1144 -13.20 -35.89 -39.13
C MET A 1144 -13.48 -36.81 -40.31
N THR A 1145 -13.47 -36.23 -41.51
CA THR A 1145 -13.72 -36.95 -42.75
C THR A 1145 -12.45 -36.97 -43.58
N ARG A 1146 -11.96 -38.17 -43.87
CA ARG A 1146 -10.74 -38.31 -44.66
C ARG A 1146 -10.87 -37.79 -46.09
N PRO A 1147 -11.94 -38.10 -46.86
CA PRO A 1147 -12.00 -37.59 -48.24
C PRO A 1147 -11.88 -36.08 -48.36
N ASP A 1148 -12.49 -35.33 -47.44
CA ASP A 1148 -12.42 -33.87 -47.50
C ASP A 1148 -11.04 -33.35 -47.13
N THR A 1149 -10.26 -34.11 -46.34
CA THR A 1149 -8.94 -33.65 -45.93
C THR A 1149 -7.96 -33.64 -47.09
N ASP A 1150 -7.97 -34.68 -47.91
CA ASP A 1150 -7.03 -34.78 -49.02
C ASP A 1150 -7.33 -33.74 -50.09
N SER A 1151 -6.27 -33.14 -50.63
CA SER A 1151 -6.36 -32.15 -51.70
C SER A 1151 -7.28 -30.99 -51.30
N GLU A 1152 -7.06 -30.48 -50.09
CA GLU A 1152 -7.85 -29.37 -49.56
C GLU A 1152 -7.10 -28.08 -49.79
N ASN A 1153 -7.73 -27.15 -50.52
CA ASN A 1153 -7.11 -25.86 -50.79
C ASN A 1153 -7.18 -24.96 -49.57
N TRP A 1154 -6.11 -24.20 -49.34
CA TRP A 1154 -6.02 -23.26 -48.23
C TRP A 1154 -5.91 -21.85 -48.78
N THR A 1155 -6.79 -20.97 -48.34
CA THR A 1155 -6.80 -19.59 -48.78
C THR A 1155 -6.94 -18.65 -47.58
N PRO A 1156 -6.34 -17.46 -47.65
CA PRO A 1156 -6.48 -16.51 -46.54
C PRO A 1156 -7.92 -16.05 -46.32
N LYS A 1157 -8.74 -16.04 -47.37
CA LYS A 1157 -10.12 -15.59 -47.22
C LYS A 1157 -10.91 -16.52 -46.31
N MET A 1158 -11.77 -15.94 -45.50
CA MET A 1158 -12.58 -16.69 -44.53
C MET A 1158 -14.04 -16.58 -44.91
N MET A 1159 -14.72 -17.72 -44.99
CA MET A 1159 -16.13 -17.77 -45.29
C MET A 1159 -16.97 -17.63 -44.03
N ALA A 1160 -18.23 -17.25 -44.22
CA ALA A 1160 -19.18 -17.07 -43.13
C ALA A 1160 -20.20 -18.21 -43.15
N VAL A 1161 -20.39 -18.84 -41.99
CA VAL A 1161 -21.34 -19.93 -41.85
C VAL A 1161 -22.65 -19.47 -41.21
N GLU A 1162 -22.93 -18.17 -41.26
CA GLU A 1162 -24.15 -17.65 -40.65
C GLU A 1162 -25.42 -18.23 -41.25
N PRO A 1163 -25.58 -18.35 -42.58
CA PRO A 1163 -26.81 -18.97 -43.10
C PRO A 1163 -27.03 -20.40 -42.62
N THR A 1164 -25.95 -21.17 -42.44
CA THR A 1164 -26.10 -22.53 -41.95
C THR A 1164 -26.52 -22.56 -40.48
N ASP A 1165 -26.13 -21.54 -39.71
CA ASP A 1165 -26.44 -21.46 -38.29
C ASP A 1165 -27.61 -20.52 -38.01
N LYS A 1166 -28.60 -20.48 -38.90
CA LYS A 1166 -29.74 -19.60 -38.70
C LYS A 1166 -30.54 -20.00 -37.46
N GLN A 1167 -30.75 -21.29 -37.25
CA GLN A 1167 -31.51 -21.76 -36.09
C GLN A 1167 -30.67 -21.66 -34.84
N ALA A 1168 -31.10 -20.82 -33.90
CA ALA A 1168 -30.38 -20.61 -32.65
C ALA A 1168 -30.98 -21.49 -31.55
N ASN A 1169 -30.75 -22.80 -31.69
CA ASN A 1169 -31.27 -23.77 -30.76
C ASN A 1169 -30.18 -24.77 -30.38
N SER A 1170 -30.18 -25.19 -29.12
CA SER A 1170 -29.25 -26.22 -28.69
C SER A 1170 -29.52 -27.55 -29.40
N LYS A 1171 -30.80 -27.89 -29.56
CA LYS A 1171 -31.15 -29.09 -30.33
C LYS A 1171 -30.75 -28.93 -31.80
N THR A 1172 -30.98 -27.74 -32.37
CA THR A 1172 -30.56 -27.48 -33.74
C THR A 1172 -29.06 -27.29 -33.85
N ARG A 1173 -28.37 -27.08 -32.72
CA ARG A 1173 -26.91 -26.98 -32.75
C ARG A 1173 -26.27 -28.29 -33.23
N ARG A 1174 -26.92 -29.41 -32.97
CA ARG A 1174 -26.44 -30.68 -33.50
C ARG A 1174 -26.49 -30.70 -35.02
N GLN A 1175 -27.55 -30.11 -35.60
CA GLN A 1175 -27.65 -30.05 -37.05
C GLN A 1175 -26.52 -29.21 -37.64
N GLU A 1176 -26.20 -28.08 -37.02
CA GLU A 1176 -25.15 -27.21 -37.52
C GLU A 1176 -23.75 -27.66 -37.09
N MET A 1177 -23.65 -28.67 -36.22
CA MET A 1177 -22.35 -29.11 -35.75
C MET A 1177 -21.53 -29.72 -36.88
N MET A 1178 -22.17 -30.49 -37.77
CA MET A 1178 -21.44 -31.12 -38.86
C MET A 1178 -20.84 -30.07 -39.81
N ARG A 1179 -21.61 -29.01 -40.11
CA ARG A 1179 -21.12 -28.00 -41.03
C ARG A 1179 -19.90 -27.27 -40.46
N GLU A 1180 -19.93 -26.93 -39.17
CA GLU A 1180 -18.81 -26.23 -38.57
C GLU A 1180 -17.58 -27.12 -38.46
N ALA A 1181 -17.77 -28.35 -37.98
CA ALA A 1181 -16.63 -29.27 -37.85
C ALA A 1181 -16.14 -29.75 -39.20
N GLY A 1182 -17.06 -29.99 -40.13
CA GLY A 1182 -16.66 -30.49 -41.45
C GLY A 1182 -15.84 -29.50 -42.25
N ARG A 1183 -16.14 -28.21 -42.11
CA ARG A 1183 -15.44 -27.19 -42.89
C ARG A 1183 -13.98 -27.11 -42.47
N GLY A 1184 -13.08 -27.15 -43.46
CA GLY A 1184 -11.65 -27.06 -43.19
C GLY A 1184 -11.11 -28.19 -42.33
N ILE A 1185 -11.65 -29.40 -42.50
CA ILE A 1185 -11.22 -30.55 -41.71
C ILE A 1185 -10.10 -31.24 -42.47
N GLU A 1186 -8.86 -30.92 -42.12
CA GLU A 1186 -7.68 -31.52 -42.73
C GLU A 1186 -6.94 -32.31 -41.65
N SER A 1187 -7.35 -33.56 -41.47
CA SER A 1187 -6.74 -34.46 -40.48
C SER A 1187 -6.75 -33.83 -39.08
N ALA A 1188 -7.86 -33.18 -38.74
CA ALA A 1188 -8.02 -32.50 -37.47
C ALA A 1188 -9.29 -32.96 -36.78
N LYS A 1189 -9.21 -33.17 -35.47
CA LYS A 1189 -10.34 -33.59 -34.65
C LYS A 1189 -10.71 -32.43 -33.75
N SER A 1190 -11.70 -31.64 -34.18
CA SER A 1190 -12.16 -30.46 -33.45
C SER A 1190 -13.65 -30.59 -33.18
N TYR A 1191 -14.04 -30.35 -31.93
CA TYR A 1191 -15.43 -30.39 -31.52
C TYR A 1191 -16.03 -28.99 -31.50
N VAL A 1192 -17.33 -28.93 -31.25
CA VAL A 1192 -18.07 -27.67 -31.19
C VAL A 1192 -18.62 -27.51 -29.78
N VAL A 1193 -18.46 -26.31 -29.22
CA VAL A 1193 -19.00 -25.97 -27.92
C VAL A 1193 -20.08 -24.92 -28.15
N ASP A 1194 -21.33 -25.33 -27.97
CA ASP A 1194 -22.48 -24.46 -28.19
C ASP A 1194 -23.16 -24.18 -26.86
N VAL A 1195 -23.33 -22.90 -26.54
CA VAL A 1195 -24.05 -22.50 -25.35
C VAL A 1195 -25.29 -21.72 -25.77
N ARG A 1196 -26.39 -21.99 -25.10
CA ARG A 1196 -27.67 -21.31 -25.35
C ARG A 1196 -28.03 -20.56 -24.08
N VAL A 1197 -27.50 -19.34 -23.95
CA VAL A 1197 -27.80 -18.50 -22.80
C VAL A 1197 -29.18 -17.88 -23.00
N HIS A 1198 -30.12 -18.23 -22.13
CA HIS A 1198 -31.49 -17.76 -22.22
C HIS A 1198 -31.87 -17.10 -20.92
N VAL A 1199 -32.44 -15.90 -21.00
CA VAL A 1199 -32.84 -15.12 -19.84
C VAL A 1199 -34.36 -14.94 -19.89
N PRO A 1200 -35.10 -15.38 -18.88
CA PRO A 1200 -36.55 -15.17 -18.89
C PRO A 1200 -36.95 -13.84 -18.29
N GLY A 1201 -38.26 -13.60 -18.21
CA GLY A 1201 -38.77 -12.36 -17.64
C GLY A 1201 -39.53 -11.52 -18.65
N GLU A 1202 -39.69 -10.23 -18.35
CA GLU A 1202 -40.35 -9.34 -19.29
C GLU A 1202 -39.51 -9.14 -20.54
N SER A 1203 -38.19 -9.08 -20.39
CA SER A 1203 -37.26 -8.94 -21.50
C SER A 1203 -36.42 -10.19 -21.60
N GLU A 1204 -36.36 -10.77 -22.79
CA GLU A 1204 -35.63 -12.01 -23.03
C GLU A 1204 -34.59 -11.79 -24.12
N SER A 1205 -33.41 -12.37 -23.92
CA SER A 1205 -32.29 -12.21 -24.86
C SER A 1205 -31.59 -13.56 -24.99
N GLU A 1206 -31.91 -14.31 -26.04
CA GLU A 1206 -31.38 -15.66 -26.23
C GLU A 1206 -29.99 -15.58 -26.86
N THR A 1207 -29.04 -15.09 -26.08
CA THR A 1207 -27.66 -15.04 -26.54
C THR A 1207 -27.15 -16.43 -26.84
N VAL A 1208 -26.51 -16.59 -28.00
CA VAL A 1208 -26.01 -17.86 -28.48
C VAL A 1208 -24.53 -17.68 -28.81
N LEU A 1209 -23.80 -18.79 -28.79
CA LEU A 1209 -22.35 -18.75 -28.96
C LEU A 1209 -21.91 -20.07 -29.57
N THR A 1210 -20.73 -20.06 -30.20
CA THR A 1210 -20.19 -21.28 -30.81
C THR A 1210 -18.68 -21.13 -30.99
N LEU A 1211 -17.93 -22.02 -30.35
CA LEU A 1211 -16.51 -22.22 -30.62
C LEU A 1211 -16.33 -23.63 -31.15
N ALA A 1212 -15.97 -23.74 -32.43
CA ALA A 1212 -15.79 -25.04 -33.09
C ALA A 1212 -14.44 -25.06 -33.79
N TRP A 1213 -13.38 -25.40 -33.06
CA TRP A 1213 -12.06 -25.62 -33.63
C TRP A 1213 -11.15 -26.18 -32.56
N SER A 1214 -9.98 -26.65 -33.00
CA SER A 1214 -8.97 -27.19 -32.10
C SER A 1214 -7.60 -27.01 -32.74
N GLU A 1215 -6.57 -27.09 -31.90
CA GLU A 1215 -5.19 -26.90 -32.34
C GLU A 1215 -4.53 -28.25 -32.56
N SER A 1216 -3.99 -28.48 -33.76
CA SER A 1216 -3.30 -29.70 -34.09
C SER A 1216 -2.02 -29.37 -34.84
N ASN A 1217 -0.95 -30.11 -34.54
CA ASN A 1217 0.33 -29.87 -35.21
C ASN A 1217 0.24 -30.17 -36.70
N VAL A 1218 -0.44 -31.25 -37.07
CA VAL A 1218 -0.59 -31.61 -38.48
C VAL A 1218 -1.48 -30.59 -39.20
N GLU A 1219 -2.52 -30.12 -38.52
CA GLU A 1219 -3.44 -29.17 -39.13
C GLU A 1219 -2.78 -27.80 -39.30
N SER A 1220 -3.40 -26.98 -40.16
CA SER A 1220 -2.91 -25.65 -40.46
C SER A 1220 -3.56 -24.58 -39.58
N LYS A 1221 -4.35 -24.98 -38.58
CA LYS A 1221 -5.00 -24.06 -37.64
C LYS A 1221 -5.98 -23.13 -38.35
N GLY A 1222 -6.46 -22.11 -37.64
CA GLY A 1222 -7.45 -21.20 -38.18
C GLY A 1222 -8.85 -21.57 -37.76
N ARG A 1223 -9.40 -20.83 -36.80
CA ARG A 1223 -10.67 -21.18 -36.17
C ARG A 1223 -11.81 -20.41 -36.80
N LEU A 1224 -12.78 -21.13 -37.34
CA LEU A 1224 -13.99 -20.55 -37.92
C LEU A 1224 -15.14 -20.81 -36.95
N LEU A 1225 -15.52 -19.79 -36.19
CA LEU A 1225 -16.49 -19.95 -35.11
C LEU A 1225 -16.97 -18.58 -34.66
N GLY A 1226 -18.09 -18.58 -33.94
CA GLY A 1226 -18.51 -17.41 -33.22
C GLY A 1226 -19.65 -16.63 -33.84
N PHE A 1227 -20.75 -16.49 -33.09
CA PHE A 1227 -21.85 -15.61 -33.49
C PHE A 1227 -22.75 -15.35 -32.28
N TRP A 1228 -23.05 -14.08 -32.02
CA TRP A 1228 -23.84 -13.68 -30.86
C TRP A 1228 -25.11 -13.00 -31.35
N ARG A 1229 -26.12 -13.80 -31.65
CA ARG A 1229 -27.40 -13.27 -32.11
C ARG A 1229 -28.33 -13.09 -30.92
N VAL A 1230 -28.86 -11.88 -30.77
CA VAL A 1230 -29.71 -11.52 -29.64
C VAL A 1230 -31.05 -11.08 -30.21
N GLU A 1231 -32.12 -11.77 -29.82
CA GLU A 1231 -33.45 -11.51 -30.35
C GLU A 1231 -34.37 -11.05 -29.23
N MET A 1232 -35.00 -9.89 -29.43
CA MET A 1232 -36.03 -9.41 -28.52
C MET A 1232 -37.38 -9.96 -28.96
N PRO A 1233 -38.10 -10.68 -28.11
CA PRO A 1233 -39.43 -11.19 -28.52
C PRO A 1233 -40.43 -10.09 -28.83
N ARG A 1234 -40.26 -8.88 -28.29
CA ARG A 1234 -41.20 -7.79 -28.50
C ARG A 1234 -40.77 -6.88 -29.65
N SER A 1235 -39.58 -6.28 -29.55
CA SER A 1235 -39.02 -5.41 -30.59
C SER A 1235 -37.63 -5.93 -30.92
N ASN A 1236 -37.56 -6.88 -31.84
CA ASN A 1236 -36.33 -7.60 -32.14
C ASN A 1236 -35.19 -6.69 -32.60
N ALA A 1237 -34.13 -6.61 -31.80
CA ALA A 1237 -32.94 -5.89 -32.21
C ALA A 1237 -32.11 -6.69 -33.21
N ASP A 1238 -32.07 -8.02 -33.05
CA ASP A 1238 -31.36 -8.92 -33.95
C ASP A 1238 -29.88 -8.54 -34.07
N TYR A 1239 -29.29 -8.13 -32.95
CA TYR A 1239 -27.85 -7.89 -32.91
C TYR A 1239 -27.12 -9.22 -33.02
N GLU A 1240 -26.48 -9.45 -34.16
CA GLU A 1240 -25.94 -10.77 -34.50
C GLU A 1240 -24.51 -10.66 -35.01
N VAL A 1241 -23.66 -9.97 -34.23
CA VAL A 1241 -22.23 -9.89 -34.56
C VAL A 1241 -21.65 -11.29 -34.73
N CYS A 1242 -20.79 -11.44 -35.72
CA CYS A 1242 -20.16 -12.72 -36.03
C CYS A 1242 -18.67 -12.52 -36.26
N ILE A 1243 -17.92 -13.60 -36.05
CA ILE A 1243 -16.47 -13.60 -36.24
C ILE A 1243 -16.08 -14.89 -36.96
N GLY A 1244 -14.82 -14.97 -37.36
CA GLY A 1244 -14.31 -16.16 -38.02
C GLY A 1244 -12.88 -15.95 -38.47
N SER A 1245 -12.22 -17.06 -38.74
CA SER A 1245 -10.83 -17.03 -39.18
C SER A 1245 -10.52 -18.33 -39.92
N GLN A 1246 -10.35 -18.25 -41.24
CA GLN A 1246 -10.03 -19.39 -42.07
C GLN A 1246 -8.74 -19.17 -42.85
N ILE A 1247 -7.73 -18.61 -42.18
CA ILE A 1247 -6.45 -18.34 -42.83
C ILE A 1247 -5.76 -19.66 -43.20
N MET A 1248 -5.78 -20.63 -42.28
CA MET A 1248 -5.14 -21.93 -42.48
C MET A 1248 -3.65 -21.77 -42.82
N VAL A 1249 -2.98 -20.84 -42.14
CA VAL A 1249 -1.57 -20.57 -42.33
C VAL A 1249 -0.86 -20.72 -40.99
N SER A 1250 0.23 -21.47 -40.98
CA SER A 1250 1.00 -21.70 -39.76
C SER A 1250 2.48 -21.89 -40.07
N LYS A 1266 1.07 -14.12 -42.49
CA LYS A 1266 0.40 -14.81 -41.39
C LYS A 1266 -0.65 -13.92 -40.74
N MET A 1267 -1.58 -13.43 -41.55
CA MET A 1267 -2.66 -12.56 -41.10
C MET A 1267 -3.99 -13.25 -41.31
N ASP A 1268 -4.82 -13.27 -40.28
CA ASP A 1268 -6.14 -13.91 -40.35
C ASP A 1268 -7.20 -12.86 -40.62
N PHE A 1269 -8.03 -13.12 -41.64
CA PHE A 1269 -9.10 -12.20 -42.01
C PHE A 1269 -10.35 -12.56 -41.20
N ASN A 1270 -10.81 -11.61 -40.39
CA ASN A 1270 -11.96 -11.81 -39.51
C ASN A 1270 -13.03 -10.80 -39.84
N VAL A 1271 -14.24 -11.29 -40.10
CA VAL A 1271 -15.38 -10.40 -40.30
C VAL A 1271 -15.76 -9.77 -38.95
N ASP A 1272 -16.00 -8.47 -38.98
CA ASP A 1272 -16.21 -7.75 -37.73
C ASP A 1272 -17.63 -7.93 -37.21
N ILE A 1273 -18.63 -7.46 -37.96
CA ILE A 1273 -20.02 -7.49 -37.52
C ILE A 1273 -20.92 -7.83 -38.71
N ARG A 1274 -22.17 -8.13 -38.39
CA ARG A 1274 -23.24 -8.25 -39.38
C ARG A 1274 -24.55 -8.14 -38.62
N TYR A 1275 -25.33 -7.10 -38.89
CA TYR A 1275 -26.53 -6.83 -38.12
C TYR A 1275 -27.76 -7.32 -38.89
N GLY A 1276 -28.93 -7.03 -38.35
CA GLY A 1276 -30.18 -7.44 -38.98
C GLY A 1276 -31.36 -6.56 -38.58
C1 NAG B . 1.54 39.62 14.98
C2 NAG B . 0.92 40.04 13.65
C3 NAG B . 0.62 41.54 13.67
C4 NAG B . -0.26 41.88 14.87
C5 NAG B . 0.37 41.37 16.15
C6 NAG B . -0.54 41.53 17.35
C7 NAG B . 1.35 39.14 11.42
C8 NAG B . 2.39 38.87 10.37
N2 NAG B . 1.79 39.71 12.54
O3 NAG B . -0.03 41.90 12.46
O4 NAG B . -0.40 43.29 14.97
O5 NAG B . 0.66 39.97 16.05
O6 NAG B . -0.37 40.48 18.28
O7 NAG B . 0.17 38.86 11.25
C1 NAG B . -1.71 43.73 14.59
C2 NAG B . -1.96 45.07 15.27
C3 NAG B . -3.31 45.64 14.83
C4 NAG B . -3.41 45.70 13.31
C5 NAG B . -3.08 44.33 12.72
C6 NAG B . -3.00 44.35 11.21
C7 NAG B . -1.08 45.65 17.49
C8 NAG B . -1.18 45.38 18.96
N2 NAG B . -1.92 44.94 16.72
O3 NAG B . -3.45 46.95 15.37
O4 NAG B . -4.74 46.02 12.94
O5 NAG B . -1.80 43.89 13.19
O6 NAG B . -1.80 44.93 10.75
O7 NAG B . -0.30 46.46 17.02
C1 BMA B . -4.85 47.38 12.47
C2 BMA B . -5.92 47.38 11.38
C3 BMA B . -6.24 48.82 10.95
C4 BMA B . -6.53 49.70 12.16
C5 BMA B . -5.38 49.62 13.16
C6 BMA B . -5.66 50.41 14.42
O2 BMA B . -7.14 46.84 11.87
O3 BMA B . -7.35 48.88 10.04
O4 BMA B . -6.71 51.05 11.75
O5 BMA B . -5.20 48.24 13.53
O6 BMA B . -6.79 49.81 15.05
C1 MAN B . -7.10 48.03 8.89
C2 MAN B . -6.86 48.95 7.67
C3 MAN B . -8.15 49.63 7.23
C4 MAN B . -9.29 48.61 7.08
C5 MAN B . -9.46 47.84 8.39
C6 MAN B . -10.54 46.78 8.32
O2 MAN B . -6.42 48.20 6.53
O3 MAN B . -7.98 50.37 6.02
O4 MAN B . -10.51 49.27 6.76
O5 MAN B . -8.21 47.17 8.69
O6 MAN B . -10.09 45.74 7.45
C1 MAN B . -7.59 50.81 15.74
C2 MAN B . -7.90 51.99 14.76
C3 MAN B . -8.01 53.30 15.54
C4 MAN B . -8.62 53.05 16.92
C5 MAN B . -7.66 52.18 17.76
C6 MAN B . -8.37 51.35 18.82
O2 MAN B . -9.16 51.82 14.10
O3 MAN B . -8.77 54.27 14.83
O4 MAN B . -8.84 54.28 17.59
O5 MAN B . -6.91 51.27 16.91
O6 MAN B . -7.38 50.72 19.63
#